data_6CJK
#
_entry.id   6CJK
#
_cell.length_a   51.173
_cell.length_b   63.558
_cell.length_c   72.649
_cell.angle_alpha   67.99
_cell.angle_beta   87.87
_cell.angle_gamma   76.73
#
_symmetry.space_group_name_H-M   'P 1'
#
loop_
_entity.id
_entity.type
_entity.pdbx_description
1 polymer 'Immunoglobulin Fab light chain'
2 polymer 'Immunoglobulin Fab heavy chain'
3 non-polymer 'ACETATE ION'
4 non-polymer GLYCEROL
5 water water
#
loop_
_entity_poly.entity_id
_entity_poly.type
_entity_poly.pdbx_seq_one_letter_code
_entity_poly.pdbx_strand_id
1 'polypeptide(L)'
;DIVMTQTPASVEAAVGGTVAIKCQASQSIRSYLAWYQQKPGQPPKLLIYEASKLASGVPSRFSGSGSGTQFTLTISGVEC
DDAATYYCQRNYDSYSGAYYPNGFGGGTEVVVKGDPVAPSVLIFPPAADQVATGTVTIVCVANKYFPDVTVTWEVDGTTQ
TTGIENSKTPQNSADCTYNLSSTLTLTSTQYNSHKEYTCKVTQGTTSVVQSFNRGDC
;
A,C
2 'polypeptide(L)'
;(PCA)LVESGGGLVQPGASLTLTCTASGFSFSSDYYMCWVRQAPGKGLEWIACIWTANSISYYARWAKGRFTISKTSSTT
VTLQMTSLTAADTATYFCARGGSGDGQSLWGPGTLVTVSSGQPKAPSVFPLAPCCGDTPSSTVTLGCLVKGYLPEPVTVT
WNSGTLTNGVRTFPSVRQSSGLYSLSSVVSVTSSSQPVTCNVAHPATNTKVDKTVAPSTCSHHHHHH
;
B,D
#
# COMPACT_ATOMS: atom_id res chain seq x y z
N ILE A 2 9.04 -11.52 3.68
CA ILE A 2 9.48 -11.26 2.33
C ILE A 2 8.45 -10.42 1.55
N VAL A 3 8.97 -9.44 0.82
CA VAL A 3 8.18 -8.50 0.05
C VAL A 3 8.31 -8.83 -1.43
N MET A 4 7.18 -8.87 -2.13
CA MET A 4 7.10 -9.15 -3.55
C MET A 4 6.71 -7.87 -4.29
N THR A 5 7.49 -7.51 -5.29
CA THR A 5 7.32 -6.29 -6.07
C THR A 5 7.25 -6.63 -7.55
N GLN A 6 6.20 -6.16 -8.22
CA GLN A 6 6.07 -6.25 -9.67
C GLN A 6 6.22 -4.90 -10.32
N THR A 7 6.88 -4.89 -11.47
CA THR A 7 6.91 -3.75 -12.37
C THR A 7 6.69 -4.25 -13.79
N PRO A 8 6.20 -3.39 -14.68
CA PRO A 8 5.67 -2.07 -14.36
C PRO A 8 4.26 -2.23 -13.85
N ALA A 9 3.58 -1.11 -13.58
CA ALA A 9 2.18 -1.21 -13.16
C ALA A 9 1.27 -1.54 -14.35
N SER A 10 1.62 -1.08 -15.53
CA SER A 10 0.80 -1.29 -16.70
C SER A 10 1.72 -1.15 -17.90
N VAL A 11 1.36 -1.86 -18.96
CA VAL A 11 2.18 -1.85 -20.14
C VAL A 11 1.27 -2.11 -21.32
N GLU A 12 1.58 -1.46 -22.43
CA GLU A 12 0.84 -1.60 -23.67
C GLU A 12 1.68 -2.40 -24.64
N ALA A 13 1.09 -3.41 -25.28
CA ALA A 13 1.81 -4.24 -26.23
C ALA A 13 1.00 -4.43 -27.49
N ALA A 14 1.66 -4.31 -28.63
CA ALA A 14 1.01 -4.54 -29.92
C ALA A 14 0.71 -6.02 -30.12
N VAL A 15 -0.44 -6.30 -30.77
CA VAL A 15 -0.71 -7.64 -31.23
C VAL A 15 0.50 -8.15 -31.99
N GLY A 16 0.95 -9.34 -31.65
CA GLY A 16 2.11 -9.93 -32.29
C GLY A 16 3.43 -9.59 -31.65
N GLY A 17 3.44 -8.63 -30.74
CA GLY A 17 4.66 -8.22 -30.08
C GLY A 17 5.01 -9.10 -28.90
N THR A 18 6.04 -8.68 -28.19
CA THR A 18 6.48 -9.36 -27.00
C THR A 18 6.51 -8.39 -25.84
N VAL A 19 6.07 -8.84 -24.68
CA VAL A 19 6.06 -8.01 -23.49
C VAL A 19 6.60 -8.84 -22.36
N ALA A 20 7.38 -8.19 -21.49
CA ALA A 20 8.02 -8.86 -20.37
C ALA A 20 7.62 -8.14 -19.09
N ILE A 21 7.37 -8.91 -18.05
CA ILE A 21 6.86 -8.40 -16.79
C ILE A 21 7.80 -8.89 -15.72
N LYS A 22 8.05 -8.05 -14.72
CA LYS A 22 9.07 -8.32 -13.74
C LYS A 22 8.44 -8.54 -12.38
N CYS A 23 9.05 -9.44 -11.63
CA CYS A 23 8.61 -9.69 -10.28
C CYS A 23 9.85 -9.81 -9.44
N GLN A 24 9.89 -9.14 -8.31
CA GLN A 24 11.05 -9.17 -7.44
C GLN A 24 10.64 -9.66 -6.05
N ALA A 25 11.48 -10.52 -5.47
CA ALA A 25 11.37 -10.94 -4.08
C ALA A 25 12.49 -10.30 -3.26
N SER A 26 12.17 -9.86 -2.04
CA SER A 26 13.17 -9.17 -1.23
C SER A 26 14.24 -10.09 -0.66
N GLN A 27 13.95 -11.40 -0.55
CA GLN A 27 14.96 -12.41 -0.25
C GLN A 27 14.73 -13.60 -1.17
N SER A 28 15.76 -14.42 -1.34
CA SER A 28 15.68 -15.52 -2.30
C SER A 28 14.53 -16.49 -1.97
N ILE A 29 13.78 -16.89 -3.01
CA ILE A 29 12.79 -17.94 -2.94
C ILE A 29 13.11 -19.07 -3.92
N ARG A 30 14.37 -19.14 -4.34
CA ARG A 30 14.82 -20.11 -5.36
C ARG A 30 13.86 -20.06 -6.55
N SER A 31 13.33 -21.18 -7.02
N SER A 31 13.32 -21.19 -7.01
CA SER A 31 12.46 -21.18 -8.18
CA SER A 31 12.43 -21.26 -8.17
C SER A 31 10.96 -21.27 -7.80
C SER A 31 10.95 -21.22 -7.81
N TYR A 32 10.62 -21.04 -6.53
CA TYR A 32 9.24 -21.24 -6.06
C TYR A 32 8.45 -19.94 -6.14
N LEU A 33 8.11 -19.63 -7.39
CA LEU A 33 7.37 -18.46 -7.80
C LEU A 33 6.32 -18.91 -8.81
N ALA A 34 5.07 -18.44 -8.64
CA ALA A 34 4.01 -18.77 -9.57
C ALA A 34 3.53 -17.49 -10.25
N TRP A 35 3.01 -17.63 -11.47
CA TRP A 35 2.36 -16.54 -12.19
C TRP A 35 0.90 -16.89 -12.49
N TYR A 36 0.04 -15.88 -12.34
CA TYR A 36 -1.38 -15.97 -12.65
C TYR A 36 -1.79 -14.89 -13.65
N GLN A 37 -2.77 -15.26 -14.46
CA GLN A 37 -3.53 -14.35 -15.31
C GLN A 37 -4.93 -14.16 -14.74
N GLN A 38 -5.42 -12.94 -14.77
CA GLN A 38 -6.79 -12.69 -14.32
C GLN A 38 -7.50 -11.76 -15.30
N LYS A 39 -8.54 -12.26 -15.86
CA LYS A 39 -9.39 -11.44 -16.70
C LYS A 39 -10.43 -10.75 -15.83
N PRO A 40 -10.85 -9.54 -16.15
CA PRO A 40 -11.85 -8.87 -15.31
C PRO A 40 -13.04 -9.78 -15.02
N GLY A 41 -13.45 -9.77 -13.75
CA GLY A 41 -14.64 -10.50 -13.35
C GLY A 41 -14.49 -11.99 -13.31
N GLN A 42 -13.26 -12.50 -13.29
CA GLN A 42 -13.02 -13.93 -13.20
C GLN A 42 -12.01 -14.19 -12.09
N PRO A 43 -12.01 -15.39 -11.54
CA PRO A 43 -10.90 -15.83 -10.70
C PRO A 43 -9.60 -15.83 -11.48
N PRO A 44 -8.48 -15.74 -10.79
CA PRO A 44 -7.18 -15.91 -11.45
C PRO A 44 -7.02 -17.31 -11.96
N LYS A 45 -6.22 -17.46 -13.03
N LYS A 45 -6.19 -17.44 -13.01
CA LYS A 45 -5.84 -18.75 -13.59
CA LYS A 45 -5.82 -18.71 -13.63
C LYS A 45 -4.33 -18.92 -13.51
C LYS A 45 -4.31 -18.90 -13.49
N LEU A 46 -3.90 -20.09 -13.05
CA LEU A 46 -2.50 -20.36 -12.93
C LEU A 46 -1.88 -20.48 -14.32
N LEU A 47 -0.80 -19.74 -14.58
CA LEU A 47 -0.03 -19.84 -15.82
C LEU A 47 1.24 -20.66 -15.67
N ILE A 48 2.04 -20.30 -14.67
CA ILE A 48 3.40 -20.80 -14.47
C ILE A 48 3.56 -21.14 -13.01
N TYR A 49 4.18 -22.28 -12.74
CA TYR A 49 4.61 -22.59 -11.39
C TYR A 49 6.08 -23.00 -11.42
N GLU A 50 6.72 -22.92 -10.25
N GLU A 50 6.72 -23.00 -10.25
CA GLU A 50 8.15 -23.18 -10.12
CA GLU A 50 8.18 -23.18 -10.13
C GLU A 50 8.94 -22.36 -11.14
C GLU A 50 8.92 -22.36 -11.19
N ALA A 51 8.50 -21.10 -11.30
CA ALA A 51 9.15 -20.05 -12.10
C ALA A 51 9.11 -20.24 -13.60
N SER A 52 9.16 -21.48 -14.11
CA SER A 52 9.12 -21.67 -15.56
C SER A 52 8.29 -22.85 -16.06
N LYS A 53 7.60 -23.57 -15.20
CA LYS A 53 6.82 -24.73 -15.63
C LYS A 53 5.43 -24.29 -16.04
N LEU A 54 5.03 -24.62 -17.26
CA LEU A 54 3.69 -24.22 -17.68
C LEU A 54 2.63 -25.11 -17.01
N ALA A 55 1.58 -24.47 -16.51
CA ALA A 55 0.42 -25.22 -16.06
C ALA A 55 -0.33 -25.83 -17.24
N SER A 56 -1.13 -26.86 -16.93
N SER A 56 -1.15 -26.84 -16.92
CA SER A 56 -1.90 -27.54 -17.96
CA SER A 56 -1.97 -27.51 -17.92
C SER A 56 -2.85 -26.59 -18.67
C SER A 56 -2.86 -26.54 -18.67
N GLY A 57 -2.95 -26.74 -19.99
CA GLY A 57 -3.83 -25.93 -20.80
C GLY A 57 -3.35 -24.51 -21.06
N VAL A 58 -2.11 -24.19 -20.74
CA VAL A 58 -1.61 -22.83 -20.96
C VAL A 58 -0.85 -22.81 -22.27
N PRO A 59 -1.21 -21.95 -23.21
CA PRO A 59 -0.46 -21.88 -24.48
C PRO A 59 1.01 -21.51 -24.27
N SER A 60 1.85 -21.96 -25.19
CA SER A 60 3.28 -21.85 -24.90
C SER A 60 3.84 -20.47 -25.20
N ARG A 61 3.02 -19.51 -25.65
CA ARG A 61 3.47 -18.14 -25.79
C ARG A 61 3.74 -17.50 -24.43
N PHE A 62 3.29 -18.12 -23.35
CA PHE A 62 3.67 -17.72 -22.00
C PHE A 62 4.91 -18.49 -21.54
N SER A 63 5.92 -17.76 -21.03
CA SER A 63 7.10 -18.39 -20.46
C SER A 63 7.53 -17.62 -19.22
N GLY A 64 8.18 -18.32 -18.30
CA GLY A 64 8.72 -17.70 -17.12
C GLY A 64 10.19 -18.02 -16.95
N SER A 65 10.87 -17.14 -16.23
CA SER A 65 12.29 -17.36 -16.00
C SER A 65 12.69 -16.69 -14.70
N GLY A 66 13.87 -17.07 -14.21
CA GLY A 66 14.42 -16.51 -13.01
C GLY A 66 14.44 -17.51 -11.87
N SER A 67 15.34 -17.24 -10.92
CA SER A 67 15.44 -18.05 -9.72
C SER A 67 16.16 -17.20 -8.71
N GLY A 68 15.64 -17.18 -7.48
CA GLY A 68 16.25 -16.39 -6.42
C GLY A 68 15.40 -15.21 -6.06
N THR A 69 15.74 -14.02 -6.57
CA THR A 69 15.03 -12.80 -6.25
C THR A 69 14.43 -12.06 -7.43
N GLN A 70 14.82 -12.39 -8.67
CA GLN A 70 14.41 -11.61 -9.84
C GLN A 70 13.80 -12.54 -10.89
N PHE A 71 12.55 -12.27 -11.26
CA PHE A 71 11.78 -13.15 -12.13
C PHE A 71 11.14 -12.38 -13.26
N THR A 72 10.87 -13.09 -14.35
CA THR A 72 10.27 -12.48 -15.52
C THR A 72 9.19 -13.36 -16.09
N LEU A 73 8.06 -12.74 -16.46
CA LEU A 73 7.04 -13.38 -17.25
C LEU A 73 7.05 -12.74 -18.63
N THR A 74 7.12 -13.57 -19.65
CA THR A 74 7.15 -13.07 -21.02
C THR A 74 5.98 -13.63 -21.80
N ILE A 75 5.34 -12.76 -22.58
CA ILE A 75 4.34 -13.15 -23.55
C ILE A 75 4.94 -12.89 -24.91
N SER A 76 5.18 -13.96 -25.67
CA SER A 76 5.83 -13.92 -26.97
C SER A 76 4.81 -14.11 -28.08
N GLY A 77 4.44 -13.03 -28.76
CA GLY A 77 3.36 -13.07 -29.73
C GLY A 77 2.01 -12.75 -29.10
N VAL A 78 1.90 -11.53 -28.62
CA VAL A 78 0.73 -11.12 -27.85
C VAL A 78 -0.56 -11.21 -28.66
N GLU A 79 -1.62 -11.64 -28.01
CA GLU A 79 -2.94 -11.71 -28.62
C GLU A 79 -3.92 -10.83 -27.84
N CYS A 80 -4.96 -10.38 -28.52
CA CYS A 80 -5.99 -9.57 -27.86
C CYS A 80 -6.50 -10.26 -26.59
N ASP A 81 -6.54 -11.60 -26.60
CA ASP A 81 -6.97 -12.35 -25.40
C ASP A 81 -6.08 -12.09 -24.20
N ASP A 82 -4.87 -11.58 -24.43
CA ASP A 82 -3.90 -11.49 -23.37
C ASP A 82 -4.09 -10.23 -22.55
N ALA A 83 -5.09 -9.40 -22.92
CA ALA A 83 -5.44 -8.22 -22.14
C ALA A 83 -5.96 -8.69 -20.80
N ALA A 84 -5.21 -8.38 -19.75
CA ALA A 84 -5.46 -8.95 -18.45
C ALA A 84 -4.48 -8.35 -17.45
N THR A 85 -4.66 -8.71 -16.19
CA THR A 85 -3.72 -8.37 -15.13
C THR A 85 -3.01 -9.64 -14.71
N TYR A 86 -1.70 -9.54 -14.57
CA TYR A 86 -0.85 -10.68 -14.28
C TYR A 86 -0.22 -10.51 -12.90
N TYR A 87 -0.22 -11.58 -12.11
CA TYR A 87 0.34 -11.52 -10.76
C TYR A 87 1.38 -12.61 -10.53
N CYS A 88 2.45 -12.25 -9.81
CA CYS A 88 3.37 -13.26 -9.32
C CYS A 88 3.05 -13.56 -7.86
N GLN A 89 3.42 -14.75 -7.42
CA GLN A 89 3.15 -15.22 -6.07
C GLN A 89 4.32 -16.00 -5.50
N ARG A 90 4.77 -15.62 -4.32
CA ARG A 90 5.79 -16.38 -3.60
C ARG A 90 5.23 -17.76 -3.22
N ASN A 91 6.04 -18.83 -3.38
CA ASN A 91 5.55 -20.21 -3.15
C ASN A 91 6.43 -20.99 -2.17
N TYR A 92 7.23 -20.28 -1.38
CA TYR A 92 8.14 -20.86 -0.43
C TYR A 92 8.28 -19.88 0.71
N ASP A 93 8.39 -20.42 1.91
CA ASP A 93 8.56 -19.64 3.12
C ASP A 93 9.79 -20.21 3.81
N SER A 94 10.87 -19.43 3.86
CA SER A 94 12.15 -19.94 4.39
C SER A 94 12.13 -20.05 5.90
N TYR A 95 11.39 -19.17 6.58
CA TYR A 95 11.19 -19.30 8.03
C TYR A 95 10.78 -20.73 8.37
N SER A 96 9.68 -21.19 7.78
CA SER A 96 9.10 -22.46 8.16
C SER A 96 9.60 -23.60 7.29
N GLY A 97 10.19 -23.28 6.16
CA GLY A 97 10.59 -24.28 5.18
C GLY A 97 9.40 -25.00 4.59
N ALA A 98 8.30 -24.29 4.36
CA ALA A 98 7.15 -24.85 3.70
C ALA A 98 6.98 -24.19 2.34
N TYR A 99 6.21 -24.85 1.49
CA TYR A 99 6.03 -24.48 0.10
C TYR A 99 4.58 -24.11 -0.21
N TYR A 100 3.94 -23.41 0.72
CA TYR A 100 2.55 -23.05 0.46
C TYR A 100 2.51 -21.78 -0.38
N PRO A 101 1.45 -21.60 -1.16
CA PRO A 101 1.40 -20.42 -2.03
C PRO A 101 0.89 -19.23 -1.23
N ASN A 102 1.66 -18.15 -1.24
CA ASN A 102 1.39 -17.07 -0.31
C ASN A 102 1.41 -15.68 -0.96
N GLY A 103 2.28 -14.78 -0.52
CA GLY A 103 2.14 -13.37 -0.87
C GLY A 103 2.22 -13.12 -2.37
N PHE A 104 1.45 -12.12 -2.81
CA PHE A 104 1.42 -11.72 -4.21
C PHE A 104 2.22 -10.46 -4.47
N GLY A 105 2.69 -10.33 -5.71
CA GLY A 105 3.09 -9.05 -6.20
C GLY A 105 1.88 -8.17 -6.49
N GLY A 106 2.17 -6.91 -6.76
CA GLY A 106 1.14 -5.90 -6.90
C GLY A 106 0.35 -6.01 -8.17
N GLY A 107 0.81 -6.78 -9.15
CA GLY A 107 0.09 -6.96 -10.39
C GLY A 107 0.58 -6.03 -11.49
N THR A 108 0.51 -6.50 -12.73
CA THR A 108 0.79 -5.69 -13.91
C THR A 108 -0.38 -5.82 -14.88
N GLU A 109 -0.95 -4.70 -15.29
CA GLU A 109 -1.99 -4.70 -16.31
C GLU A 109 -1.34 -4.66 -17.69
N VAL A 110 -1.83 -5.52 -18.56
CA VAL A 110 -1.38 -5.55 -19.95
C VAL A 110 -2.53 -5.08 -20.82
N VAL A 111 -2.28 -4.02 -21.58
CA VAL A 111 -3.22 -3.49 -22.57
C VAL A 111 -2.70 -3.90 -23.94
N VAL A 112 -3.57 -4.41 -24.80
CA VAL A 112 -3.15 -4.87 -26.11
C VAL A 112 -3.55 -3.86 -27.18
N LYS A 113 -2.57 -3.42 -27.96
CA LYS A 113 -2.78 -2.47 -29.06
C LYS A 113 -3.22 -3.24 -30.30
N GLY A 114 -4.52 -3.19 -30.61
CA GLY A 114 -5.04 -3.79 -31.82
C GLY A 114 -5.24 -2.77 -32.92
N ASP A 115 -5.92 -3.20 -33.97
CA ASP A 115 -6.23 -2.27 -35.06
C ASP A 115 -7.23 -1.22 -34.60
N PRO A 116 -7.02 0.05 -34.97
CA PRO A 116 -7.90 1.10 -34.48
C PRO A 116 -9.26 1.03 -35.13
N VAL A 117 -10.26 1.39 -34.34
CA VAL A 117 -11.67 1.34 -34.73
C VAL A 117 -12.35 2.53 -34.07
N ALA A 118 -13.03 3.36 -34.89
CA ALA A 118 -13.71 4.54 -34.39
C ALA A 118 -15.01 4.13 -33.71
N PRO A 119 -15.38 4.79 -32.62
CA PRO A 119 -16.62 4.44 -31.94
C PRO A 119 -17.82 5.03 -32.64
N SER A 120 -18.90 4.26 -32.65
CA SER A 120 -20.23 4.79 -32.81
C SER A 120 -20.79 5.08 -31.42
N VAL A 121 -21.75 5.98 -31.34
CA VAL A 121 -22.22 6.51 -30.07
C VAL A 121 -23.76 6.50 -30.01
N LEU A 122 -24.31 6.12 -28.84
CA LEU A 122 -25.74 6.17 -28.59
C LEU A 122 -26.04 6.95 -27.31
N ILE A 123 -27.13 7.70 -27.28
CA ILE A 123 -27.55 8.34 -26.05
C ILE A 123 -28.96 7.86 -25.73
N PHE A 124 -29.19 7.57 -24.46
CA PHE A 124 -30.47 7.06 -23.97
C PHE A 124 -31.09 8.08 -23.03
N PRO A 125 -32.13 8.79 -23.44
CA PRO A 125 -32.77 9.72 -22.54
C PRO A 125 -33.43 8.96 -21.42
N PRO A 126 -33.65 9.59 -20.28
CA PRO A 126 -34.16 8.85 -19.13
C PRO A 126 -35.60 8.42 -19.35
N ALA A 127 -35.90 7.17 -19.02
CA ALA A 127 -37.27 6.69 -19.06
C ALA A 127 -38.16 7.60 -18.22
N ALA A 128 -39.44 7.67 -18.61
CA ALA A 128 -40.36 8.64 -18.04
C ALA A 128 -40.51 8.50 -16.53
N ASP A 129 -40.41 7.27 -15.99
CA ASP A 129 -40.65 7.07 -14.56
C ASP A 129 -39.42 7.34 -13.70
N GLN A 130 -38.28 7.75 -14.30
CA GLN A 130 -37.14 8.08 -13.46
C GLN A 130 -37.40 9.35 -12.66
N VAL A 131 -38.07 10.31 -13.27
CA VAL A 131 -38.04 11.68 -12.75
C VAL A 131 -38.80 11.78 -11.43
N ALA A 132 -39.82 10.95 -11.24
CA ALA A 132 -40.56 11.01 -9.98
C ALA A 132 -39.75 10.47 -8.81
N THR A 133 -38.62 9.83 -9.06
CA THR A 133 -37.77 9.29 -8.01
C THR A 133 -36.90 10.34 -7.36
N GLY A 134 -36.81 11.54 -7.91
CA GLY A 134 -35.91 12.56 -7.41
C GLY A 134 -34.56 12.66 -8.11
N THR A 135 -34.18 11.64 -8.89
N THR A 135 -34.12 11.62 -8.81
CA THR A 135 -32.91 11.60 -9.59
CA THR A 135 -32.92 11.73 -9.64
C THR A 135 -33.11 11.04 -10.99
C THR A 135 -33.14 11.11 -11.00
N VAL A 136 -32.29 11.51 -11.94
CA VAL A 136 -32.42 11.13 -13.34
C VAL A 136 -31.02 10.79 -13.88
N THR A 137 -30.91 9.64 -14.53
CA THR A 137 -29.65 9.14 -15.04
C THR A 137 -29.77 9.03 -16.56
N ILE A 138 -28.90 9.72 -17.25
CA ILE A 138 -28.80 9.66 -18.70
C ILE A 138 -27.60 8.80 -19.06
N VAL A 139 -27.79 7.91 -20.03
CA VAL A 139 -26.80 6.91 -20.39
C VAL A 139 -26.30 7.21 -21.80
N CYS A 140 -24.98 7.19 -21.96
CA CYS A 140 -24.35 7.32 -23.25
C CYS A 140 -23.43 6.13 -23.45
N VAL A 141 -23.51 5.48 -24.62
CA VAL A 141 -22.71 4.31 -24.93
C VAL A 141 -21.82 4.60 -26.13
N ALA A 142 -20.55 4.24 -26.00
CA ALA A 142 -19.61 4.21 -27.11
C ALA A 142 -19.32 2.74 -27.43
N ASN A 143 -19.63 2.34 -28.66
CA ASN A 143 -19.57 0.95 -29.09
C ASN A 143 -18.25 0.63 -29.80
N LYS A 144 -17.71 -0.55 -29.49
CA LYS A 144 -16.70 -1.23 -30.31
C LYS A 144 -15.64 -0.32 -30.88
N TYR A 145 -14.66 0.04 -30.06
CA TYR A 145 -13.68 1.04 -30.44
C TYR A 145 -12.33 0.68 -29.85
N PHE A 146 -11.29 1.22 -30.49
CA PHE A 146 -9.94 1.20 -29.97
C PHE A 146 -9.13 2.23 -30.73
N PRO A 147 -8.27 3.00 -30.06
CA PRO A 147 -7.92 3.02 -28.63
C PRO A 147 -8.93 3.77 -27.78
N ASP A 148 -8.54 4.07 -26.54
CA ASP A 148 -9.44 4.66 -25.55
C ASP A 148 -9.99 6.00 -26.01
N VAL A 149 -11.14 6.35 -25.45
CA VAL A 149 -11.80 7.59 -25.75
C VAL A 149 -11.84 8.40 -24.47
N THR A 150 -12.27 9.64 -24.61
CA THR A 150 -12.68 10.44 -23.47
C THR A 150 -14.10 10.89 -23.76
N VAL A 151 -14.92 10.98 -22.72
CA VAL A 151 -16.30 11.40 -22.86
C VAL A 151 -16.47 12.76 -22.19
N THR A 152 -17.23 13.62 -22.84
CA THR A 152 -17.56 14.93 -22.31
C THR A 152 -19.08 15.05 -22.34
N TRP A 153 -19.66 15.45 -21.22
CA TRP A 153 -21.08 15.78 -21.16
C TRP A 153 -21.23 17.29 -21.10
N GLU A 154 -22.11 17.84 -21.94
CA GLU A 154 -22.50 19.23 -21.84
C GLU A 154 -24.01 19.30 -21.62
N VAL A 155 -24.44 20.21 -20.75
CA VAL A 155 -25.86 20.46 -20.51
C VAL A 155 -26.12 21.91 -20.86
N ASP A 156 -26.95 22.13 -21.88
CA ASP A 156 -27.19 23.48 -22.37
C ASP A 156 -25.85 24.16 -22.61
N GLY A 157 -24.91 23.41 -23.18
CA GLY A 157 -23.61 23.94 -23.56
C GLY A 157 -22.60 24.03 -22.45
N THR A 158 -22.98 23.79 -21.20
CA THR A 158 -22.03 23.86 -20.10
C THR A 158 -21.45 22.48 -19.84
N THR A 159 -20.13 22.38 -19.88
CA THR A 159 -19.46 21.13 -19.58
C THR A 159 -19.78 20.71 -18.15
N GLN A 160 -20.12 19.44 -17.98
CA GLN A 160 -20.36 18.90 -16.66
C GLN A 160 -19.06 18.36 -16.09
N THR A 161 -18.90 18.49 -14.78
CA THR A 161 -17.72 18.05 -14.08
C THR A 161 -18.06 17.19 -12.89
N THR A 162 -19.33 16.89 -12.68
CA THR A 162 -19.76 16.04 -11.59
C THR A 162 -21.02 15.29 -12.00
N GLY A 163 -21.33 14.24 -11.23
CA GLY A 163 -22.44 13.36 -11.54
C GLY A 163 -22.16 12.33 -12.62
N ILE A 164 -20.89 12.14 -13.01
CA ILE A 164 -20.56 11.32 -14.17
C ILE A 164 -19.81 10.08 -13.71
N GLU A 165 -20.22 8.93 -14.24
CA GLU A 165 -19.53 7.68 -14.00
C GLU A 165 -19.30 7.01 -15.33
N ASN A 166 -18.17 6.31 -15.43
CA ASN A 166 -17.76 5.68 -16.67
C ASN A 166 -17.47 4.22 -16.37
N SER A 167 -17.95 3.34 -17.26
CA SER A 167 -17.70 1.93 -17.12
C SER A 167 -17.33 1.33 -18.47
N LYS A 168 -16.20 0.64 -18.53
CA LYS A 168 -15.65 0.15 -19.78
C LYS A 168 -15.64 -1.37 -19.72
N THR A 169 -16.14 -2.04 -20.76
CA THR A 169 -16.01 -3.49 -20.84
C THR A 169 -14.57 -3.88 -21.10
N PRO A 170 -14.15 -5.06 -20.62
CA PRO A 170 -12.79 -5.54 -20.91
C PRO A 170 -12.56 -5.62 -22.41
N GLN A 171 -11.29 -5.44 -22.82
CA GLN A 171 -10.95 -5.61 -24.23
C GLN A 171 -11.44 -6.94 -24.78
N ASN A 172 -12.01 -6.88 -25.98
CA ASN A 172 -12.60 -8.06 -26.60
C ASN A 172 -11.50 -9.02 -27.03
N SER A 173 -11.67 -10.33 -26.73
CA SER A 173 -10.63 -11.31 -27.05
C SER A 173 -10.35 -11.42 -28.53
N ALA A 174 -11.30 -11.06 -29.39
CA ALA A 174 -11.11 -11.25 -30.81
C ALA A 174 -10.51 -10.05 -31.51
N ASP A 175 -10.94 -8.84 -31.16
CA ASP A 175 -10.56 -7.67 -31.93
C ASP A 175 -10.00 -6.55 -31.07
N CYS A 176 -9.77 -6.79 -29.78
CA CYS A 176 -9.15 -5.86 -28.85
C CYS A 176 -10.06 -4.68 -28.49
N THR A 177 -11.29 -4.65 -28.97
CA THR A 177 -12.05 -3.42 -28.77
C THR A 177 -12.67 -3.31 -27.37
N TYR A 178 -12.98 -2.07 -27.01
CA TYR A 178 -13.71 -1.69 -25.82
C TYR A 178 -15.14 -1.31 -26.16
N ASN A 179 -15.97 -1.29 -25.13
CA ASN A 179 -17.26 -0.62 -25.12
C ASN A 179 -17.31 0.17 -23.83
N LEU A 180 -18.06 1.25 -23.85
CA LEU A 180 -18.07 2.22 -22.78
C LEU A 180 -19.50 2.63 -22.50
N SER A 181 -19.86 2.67 -21.22
CA SER A 181 -21.13 3.22 -20.77
C SER A 181 -20.80 4.39 -19.86
N SER A 182 -21.28 5.57 -20.22
CA SER A 182 -21.10 6.77 -19.44
C SER A 182 -22.46 7.25 -18.99
N THR A 183 -22.59 7.52 -17.69
CA THR A 183 -23.83 7.99 -17.09
C THR A 183 -23.62 9.37 -16.52
N LEU A 184 -24.61 10.23 -16.75
CA LEU A 184 -24.75 11.52 -16.08
C LEU A 184 -25.99 11.44 -15.20
N THR A 185 -25.80 11.66 -13.91
CA THR A 185 -26.87 11.63 -12.93
C THR A 185 -27.08 13.05 -12.38
N LEU A 186 -28.33 13.49 -12.38
CA LEU A 186 -28.73 14.80 -11.88
C LEU A 186 -29.97 14.64 -11.00
N THR A 187 -30.23 15.64 -10.15
CA THR A 187 -31.54 15.63 -9.48
C THR A 187 -32.65 15.95 -10.48
N SER A 188 -33.87 15.55 -10.13
CA SER A 188 -35.01 15.83 -10.99
C SER A 188 -35.18 17.34 -11.20
N THR A 189 -34.96 18.12 -10.14
CA THR A 189 -34.98 19.58 -10.26
C THR A 189 -33.93 20.06 -11.26
N GLN A 190 -32.71 19.55 -11.17
CA GLN A 190 -31.69 19.95 -12.13
C GLN A 190 -32.10 19.53 -13.53
N TYR A 191 -32.52 18.26 -13.70
CA TYR A 191 -32.89 17.77 -15.02
C TYR A 191 -34.00 18.63 -15.63
N ASN A 192 -35.01 18.98 -14.84
CA ASN A 192 -36.11 19.74 -15.43
C ASN A 192 -35.72 21.18 -15.72
N SER A 193 -34.57 21.64 -15.24
CA SER A 193 -34.17 23.04 -15.39
C SER A 193 -33.41 23.28 -16.69
N HIS A 194 -33.09 22.24 -17.44
CA HIS A 194 -32.27 22.34 -18.63
C HIS A 194 -32.91 21.55 -19.74
N LYS A 195 -32.42 21.75 -20.96
CA LYS A 195 -33.07 21.22 -22.15
C LYS A 195 -32.17 20.33 -22.97
N GLU A 196 -30.96 20.78 -23.31
CA GLU A 196 -30.11 20.05 -24.23
C GLU A 196 -29.09 19.22 -23.47
N TYR A 197 -29.07 17.92 -23.73
CA TYR A 197 -28.16 16.99 -23.10
C TYR A 197 -27.30 16.35 -24.17
N THR A 198 -25.98 16.49 -24.04
CA THR A 198 -25.03 16.14 -25.07
C THR A 198 -23.92 15.25 -24.53
N CYS A 199 -23.68 14.15 -25.25
CA CYS A 199 -22.57 13.25 -25.00
C CYS A 199 -21.62 13.35 -26.17
N LYS A 200 -20.37 13.69 -25.87
CA LYS A 200 -19.31 13.93 -26.86
C LYS A 200 -18.20 12.94 -26.59
N VAL A 201 -17.93 12.08 -27.57
CA VAL A 201 -16.95 11.02 -27.40
C VAL A 201 -15.78 11.36 -28.31
N THR A 202 -14.60 11.48 -27.71
CA THR A 202 -13.38 11.90 -28.39
C THR A 202 -12.39 10.75 -28.39
N GLN A 203 -11.82 10.48 -29.56
CA GLN A 203 -10.79 9.45 -29.76
C GLN A 203 -9.66 10.17 -30.49
N GLY A 204 -8.62 10.55 -29.75
CA GLY A 204 -7.55 11.34 -30.32
C GLY A 204 -8.03 12.65 -30.91
N THR A 205 -7.97 12.76 -32.23
CA THR A 205 -8.39 13.95 -32.95
C THR A 205 -9.78 13.81 -33.55
N THR A 206 -10.51 12.75 -33.20
CA THR A 206 -11.81 12.45 -33.79
C THR A 206 -12.87 12.53 -32.69
N SER A 207 -14.05 13.05 -33.03
CA SER A 207 -15.12 13.24 -32.05
C SER A 207 -16.47 12.85 -32.65
N VAL A 208 -17.23 12.06 -31.89
CA VAL A 208 -18.60 11.68 -32.24
C VAL A 208 -19.51 12.20 -31.13
N VAL A 209 -20.60 12.83 -31.51
CA VAL A 209 -21.47 13.53 -30.59
C VAL A 209 -22.90 13.03 -30.75
N GLN A 210 -23.56 12.78 -29.63
CA GLN A 210 -24.99 12.45 -29.62
C GLN A 210 -25.67 13.33 -28.59
N SER A 211 -26.86 13.81 -28.96
CA SER A 211 -27.57 14.78 -28.13
C SER A 211 -29.06 14.51 -28.24
N PHE A 212 -29.79 14.84 -27.17
CA PHE A 212 -31.23 14.98 -27.26
C PHE A 212 -31.68 16.22 -26.50
N ASN A 213 -32.96 16.54 -26.70
CA ASN A 213 -33.66 17.64 -26.08
C ASN A 213 -34.83 17.12 -25.25
N ARG A 214 -34.93 17.58 -24.01
CA ARG A 214 -35.87 17.02 -23.04
C ARG A 214 -37.32 17.11 -23.51
N GLY A 215 -37.61 17.98 -24.49
CA GLY A 215 -38.96 18.12 -24.99
C GLY A 215 -39.30 17.19 -26.14
N ASP A 216 -38.28 16.65 -26.80
CA ASP A 216 -38.47 15.84 -27.99
C ASP A 216 -38.55 14.35 -27.71
N CYS A 217 -38.36 13.92 -26.46
N CYS A 217 -38.48 13.94 -26.44
CA CYS A 217 -38.30 12.50 -26.14
CA CYS A 217 -38.63 12.55 -26.07
C CYS A 217 -39.21 12.19 -24.96
C CYS A 217 -39.69 12.37 -24.99
N LEU B 2 -14.58 -25.90 -6.06
CA LEU B 2 -14.56 -25.17 -4.83
C LEU B 2 -15.66 -24.11 -4.86
N VAL B 3 -16.38 -23.91 -3.76
CA VAL B 3 -17.43 -22.89 -3.71
C VAL B 3 -17.34 -22.16 -2.38
N GLU B 4 -17.21 -20.83 -2.45
CA GLU B 4 -17.21 -19.99 -1.25
C GLU B 4 -18.65 -19.59 -0.91
N SER B 5 -18.92 -19.43 0.37
CA SER B 5 -20.24 -18.97 0.79
C SER B 5 -20.08 -18.12 2.06
N GLY B 6 -21.13 -17.39 2.37
CA GLY B 6 -21.12 -16.57 3.57
C GLY B 6 -21.00 -15.09 3.34
N GLY B 7 -20.74 -14.64 2.12
CA GLY B 7 -20.57 -13.22 1.90
C GLY B 7 -21.91 -12.49 1.95
N GLY B 8 -21.83 -11.18 2.12
CA GLY B 8 -23.02 -10.37 2.17
C GLY B 8 -22.63 -9.00 2.69
N LEU B 9 -23.62 -8.15 2.90
CA LEU B 9 -23.41 -6.82 3.47
C LEU B 9 -23.36 -6.88 4.98
N VAL B 10 -22.33 -6.28 5.55
CA VAL B 10 -22.17 -6.16 6.99
C VAL B 10 -21.71 -4.74 7.33
N GLN B 11 -22.01 -4.32 8.57
CA GLN B 11 -21.57 -3.03 9.07
C GLN B 11 -20.07 -3.02 9.40
N PRO B 12 -19.42 -1.87 9.29
CA PRO B 12 -18.07 -1.76 9.87
C PRO B 12 -18.12 -2.13 11.34
N GLY B 13 -17.16 -2.92 11.77
CA GLY B 13 -17.14 -3.46 13.12
C GLY B 13 -17.63 -4.88 13.25
N ALA B 14 -18.22 -5.41 12.20
CA ALA B 14 -18.83 -6.74 12.28
C ALA B 14 -17.78 -7.83 12.20
N SER B 15 -18.19 -9.00 12.67
CA SER B 15 -17.51 -10.26 12.41
C SER B 15 -18.27 -11.05 11.35
N LEU B 16 -17.58 -11.99 10.71
CA LEU B 16 -18.23 -12.78 9.68
C LEU B 16 -17.38 -14.01 9.46
N THR B 17 -18.04 -15.14 9.22
CA THR B 17 -17.36 -16.38 8.86
C THR B 17 -17.75 -16.81 7.45
N LEU B 18 -16.74 -17.05 6.63
CA LEU B 18 -16.93 -17.58 5.29
C LEU B 18 -16.57 -19.06 5.28
N THR B 19 -17.17 -19.80 4.34
CA THR B 19 -16.92 -21.22 4.21
C THR B 19 -16.50 -21.53 2.78
N CYS B 20 -15.47 -22.37 2.66
CA CYS B 20 -15.01 -22.91 1.39
C CYS B 20 -15.36 -24.38 1.37
N THR B 21 -16.16 -24.80 0.40
CA THR B 21 -16.65 -26.18 0.32
C THR B 21 -16.07 -26.87 -0.91
N ALA B 22 -15.50 -28.05 -0.69
CA ALA B 22 -14.88 -28.84 -1.75
C ALA B 22 -15.84 -29.89 -2.27
N SER B 23 -15.75 -30.13 -3.59
CA SER B 23 -16.41 -31.25 -4.25
C SER B 23 -15.42 -31.97 -5.15
N GLY B 24 -15.61 -33.28 -5.29
CA GLY B 24 -14.80 -34.09 -6.19
C GLY B 24 -13.46 -34.48 -5.63
N PHE B 25 -13.06 -33.93 -4.50
CA PHE B 25 -11.82 -34.30 -3.84
C PHE B 25 -12.02 -34.05 -2.35
N SER B 26 -11.02 -34.38 -1.57
CA SER B 26 -11.20 -34.39 -0.12
C SER B 26 -10.06 -33.69 0.57
N PHE B 27 -10.41 -32.88 1.56
CA PHE B 27 -9.41 -32.30 2.44
C PHE B 27 -8.74 -33.34 3.33
N SER B 28 -9.08 -34.62 3.20
CA SER B 28 -8.29 -35.67 3.84
C SER B 28 -7.11 -36.10 2.98
N SER B 29 -6.99 -35.57 1.78
CA SER B 29 -5.77 -35.61 0.99
C SER B 29 -4.93 -34.37 1.30
N ASP B 30 -3.66 -34.42 0.93
CA ASP B 30 -2.69 -33.43 1.37
C ASP B 30 -2.65 -32.24 0.41
N TYR B 31 -3.15 -31.11 0.87
CA TYR B 31 -3.18 -29.89 0.07
C TYR B 31 -3.04 -28.72 1.00
N TYR B 32 -2.65 -27.58 0.44
CA TYR B 32 -2.81 -26.30 1.09
C TYR B 32 -4.13 -25.74 0.60
N MET B 33 -5.00 -25.43 1.54
CA MET B 33 -6.20 -24.69 1.25
C MET B 33 -5.97 -23.26 1.71
N CYS B 34 -6.20 -22.32 0.81
CA CYS B 34 -5.87 -20.94 1.11
C CYS B 34 -7.05 -20.02 0.81
N TRP B 35 -7.02 -18.85 1.47
CA TRP B 35 -7.93 -17.74 1.22
C TRP B 35 -7.14 -16.55 0.70
N VAL B 36 -7.66 -15.96 -0.37
CA VAL B 36 -7.10 -14.84 -1.10
C VAL B 36 -8.26 -13.90 -1.33
N ARG B 37 -8.05 -12.60 -1.14
CA ARG B 37 -9.12 -11.63 -1.39
C ARG B 37 -8.66 -10.61 -2.42
N GLN B 38 -9.63 -9.87 -2.95
CA GLN B 38 -9.35 -8.85 -3.95
C GLN B 38 -10.40 -7.76 -3.81
N ALA B 39 -9.96 -6.59 -3.35
CA ALA B 39 -10.83 -5.44 -3.31
C ALA B 39 -11.14 -4.97 -4.72
N PRO B 40 -12.32 -4.41 -4.94
CA PRO B 40 -12.69 -3.96 -6.30
C PRO B 40 -11.64 -3.05 -6.91
N GLY B 41 -11.12 -3.47 -8.05
CA GLY B 41 -10.11 -2.73 -8.79
C GLY B 41 -8.71 -2.78 -8.23
N LYS B 42 -8.45 -3.62 -7.24
CA LYS B 42 -7.14 -3.72 -6.62
C LYS B 42 -6.59 -5.14 -6.85
N GLY B 43 -5.49 -5.45 -6.19
CA GLY B 43 -4.76 -6.66 -6.48
C GLY B 43 -5.17 -7.83 -5.62
N LEU B 44 -4.69 -9.00 -6.00
CA LEU B 44 -4.87 -10.18 -5.15
C LEU B 44 -4.06 -10.02 -3.88
N GLU B 45 -4.65 -10.46 -2.79
CA GLU B 45 -4.03 -10.35 -1.47
C GLU B 45 -4.20 -11.66 -0.74
N TRP B 46 -3.07 -12.30 -0.43
CA TRP B 46 -3.07 -13.54 0.35
C TRP B 46 -3.45 -13.26 1.80
N ILE B 47 -4.31 -14.14 2.33
CA ILE B 47 -4.77 -14.06 3.72
C ILE B 47 -4.13 -15.13 4.57
N ALA B 48 -4.32 -16.40 4.21
CA ALA B 48 -3.87 -17.53 5.00
C ALA B 48 -3.98 -18.85 4.23
N CYS B 49 -3.15 -19.81 4.64
CA CYS B 49 -3.21 -21.18 4.13
C CYS B 49 -3.26 -22.15 5.29
N ILE B 50 -3.83 -23.31 5.02
CA ILE B 50 -3.82 -24.39 5.99
C ILE B 50 -3.49 -25.71 5.29
N TRP B 51 -2.65 -26.50 5.93
CA TRP B 51 -2.28 -27.83 5.45
C TRP B 51 -3.35 -28.79 5.94
N THR B 52 -4.12 -29.35 5.02
CA THR B 52 -5.32 -30.08 5.43
C THR B 52 -5.01 -31.35 6.18
N ALA B 53 -3.79 -31.88 6.08
CA ALA B 53 -3.48 -33.15 6.72
C ALA B 53 -3.37 -33.02 8.23
N ASN B 54 -2.88 -31.89 8.73
CA ASN B 54 -2.67 -31.72 10.15
C ASN B 54 -3.13 -30.39 10.69
N SER B 55 -3.76 -29.54 9.87
CA SER B 55 -4.29 -28.23 10.26
C SER B 55 -3.21 -27.21 10.64
N ILE B 56 -1.96 -27.44 10.25
CA ILE B 56 -0.95 -26.40 10.41
C ILE B 56 -1.30 -25.23 9.52
N SER B 57 -1.33 -24.04 10.10
N SER B 57 -1.29 -24.03 10.08
CA SER B 57 -1.81 -22.84 9.41
CA SER B 57 -1.80 -22.87 9.38
C SER B 57 -0.69 -21.82 9.32
C SER B 57 -0.72 -21.79 9.34
N TYR B 58 -0.81 -20.96 8.30
CA TYR B 58 0.13 -19.89 8.03
C TYR B 58 -0.66 -18.66 7.64
N TYR B 59 -0.26 -17.51 8.18
CA TYR B 59 -1.03 -16.28 8.06
C TYR B 59 -0.19 -15.16 7.47
N ALA B 60 -0.81 -14.35 6.63
CA ALA B 60 -0.25 -13.05 6.28
C ALA B 60 -0.06 -12.19 7.51
N ARG B 61 0.95 -11.33 7.47
CA ARG B 61 1.30 -10.53 8.64
C ARG B 61 0.21 -9.54 8.98
N TRP B 62 -0.60 -9.11 8.00
CA TRP B 62 -1.75 -8.25 8.28
C TRP B 62 -2.98 -9.02 8.75
N ALA B 63 -3.01 -10.35 8.61
CA ALA B 63 -4.20 -11.11 8.97
C ALA B 63 -4.13 -11.77 10.34
N LYS B 64 -2.96 -12.28 10.73
CA LYS B 64 -2.80 -12.93 12.02
C LYS B 64 -3.16 -11.96 13.15
N GLY B 65 -4.11 -12.37 13.99
CA GLY B 65 -4.69 -11.55 15.05
C GLY B 65 -6.09 -11.07 14.75
N ARG B 66 -6.54 -11.18 13.50
CA ARG B 66 -7.85 -10.70 13.08
C ARG B 66 -8.62 -11.69 12.19
N PHE B 67 -7.95 -12.59 11.51
CA PHE B 67 -8.57 -13.61 10.68
C PHE B 67 -8.13 -14.96 11.24
N THR B 68 -9.02 -15.96 11.19
CA THR B 68 -8.70 -17.33 11.58
C THR B 68 -9.12 -18.31 10.48
N ILE B 69 -8.20 -19.18 10.07
CA ILE B 69 -8.48 -20.21 9.06
C ILE B 69 -8.62 -21.52 9.81
N SER B 70 -9.61 -22.32 9.41
N SER B 70 -9.60 -22.34 9.41
CA SER B 70 -9.90 -23.57 10.13
CA SER B 70 -9.86 -23.58 10.13
C SER B 70 -10.34 -24.64 9.13
C SER B 70 -10.36 -24.65 9.16
N LYS B 71 -9.93 -25.89 9.40
CA LYS B 71 -10.47 -27.06 8.72
C LYS B 71 -11.60 -27.58 9.60
N THR B 72 -12.82 -27.52 9.10
CA THR B 72 -13.97 -27.91 9.89
C THR B 72 -14.53 -29.27 9.50
N SER B 73 -14.14 -29.81 8.34
CA SER B 73 -14.54 -31.17 7.98
C SER B 73 -13.64 -31.62 6.83
N SER B 74 -13.89 -32.83 6.32
CA SER B 74 -13.14 -33.26 5.13
C SER B 74 -13.55 -32.52 3.87
N THR B 75 -14.59 -31.69 3.91
CA THR B 75 -14.98 -30.91 2.74
C THR B 75 -15.12 -29.40 3.00
N THR B 76 -14.81 -28.91 4.20
CA THR B 76 -14.99 -27.49 4.46
C THR B 76 -13.81 -26.91 5.22
N VAL B 77 -13.43 -25.70 4.79
CA VAL B 77 -12.49 -24.80 5.47
C VAL B 77 -13.19 -23.45 5.67
N THR B 78 -12.99 -22.83 6.82
CA THR B 78 -13.64 -21.57 7.10
C THR B 78 -12.62 -20.46 7.28
N LEU B 79 -13.12 -19.24 7.15
CA LEU B 79 -12.35 -18.04 7.42
C LEU B 79 -13.22 -17.17 8.32
N GLN B 80 -12.80 -17.01 9.56
CA GLN B 80 -13.43 -16.12 10.54
C GLN B 80 -12.75 -14.77 10.44
N MET B 81 -13.54 -13.72 10.33
CA MET B 81 -13.03 -12.37 10.19
C MET B 81 -13.65 -11.50 11.27
N THR B 82 -12.83 -10.67 11.94
CA THR B 82 -13.31 -9.79 13.01
C THR B 82 -12.92 -8.34 12.75
N SER B 83 -13.69 -7.43 13.37
CA SER B 83 -13.41 -5.99 13.33
C SER B 83 -13.31 -5.48 11.90
N LEU B 84 -14.29 -5.85 11.09
CA LEU B 84 -14.24 -5.54 9.67
C LEU B 84 -14.36 -4.04 9.40
N THR B 85 -13.65 -3.60 8.35
CA THR B 85 -13.67 -2.21 7.91
C THR B 85 -14.09 -2.15 6.45
N ALA B 86 -14.42 -0.93 6.01
CA ALA B 86 -14.80 -0.73 4.63
C ALA B 86 -13.70 -1.22 3.71
N ALA B 87 -12.44 -1.10 4.13
CA ALA B 87 -11.33 -1.55 3.31
C ALA B 87 -11.24 -3.07 3.24
N ASP B 88 -12.04 -3.81 4.02
CA ASP B 88 -12.11 -5.26 3.87
C ASP B 88 -13.13 -5.67 2.82
N THR B 89 -13.85 -4.70 2.23
CA THR B 89 -14.73 -4.98 1.11
C THR B 89 -13.94 -5.62 -0.01
N ALA B 90 -14.33 -6.84 -0.38
CA ALA B 90 -13.57 -7.56 -1.38
C ALA B 90 -14.31 -8.82 -1.78
N THR B 91 -13.88 -9.35 -2.90
CA THR B 91 -14.16 -10.74 -3.22
C THR B 91 -13.19 -11.63 -2.48
N TYR B 92 -13.72 -12.61 -1.73
CA TYR B 92 -12.93 -13.57 -0.99
C TYR B 92 -12.96 -14.92 -1.71
N PHE B 93 -11.77 -15.37 -2.10
CA PHE B 93 -11.60 -16.62 -2.83
C PHE B 93 -10.95 -17.67 -1.94
N CYS B 94 -11.36 -18.93 -2.11
N CYS B 94 -11.38 -18.90 -2.20
CA CYS B 94 -10.56 -20.03 -1.62
CA CYS B 94 -10.73 -20.12 -1.76
C CYS B 94 -9.94 -20.76 -2.82
C CYS B 94 -9.90 -20.68 -2.92
N ALA B 95 -8.73 -21.24 -2.60
CA ALA B 95 -7.93 -21.86 -3.65
C ALA B 95 -7.13 -23.00 -3.04
N ARG B 96 -6.84 -23.99 -3.88
CA ARG B 96 -6.11 -25.18 -3.51
C ARG B 96 -4.77 -25.18 -4.21
N GLY B 97 -3.73 -25.43 -3.43
CA GLY B 97 -2.39 -25.63 -3.97
C GLY B 97 -1.80 -26.90 -3.41
N GLY B 98 -0.76 -27.37 -4.08
CA GLY B 98 0.05 -28.42 -3.52
C GLY B 98 1.31 -27.85 -2.92
N SER B 99 2.37 -28.64 -2.97
CA SER B 99 3.67 -28.19 -2.46
C SER B 99 4.47 -27.54 -3.58
N GLY B 100 4.52 -26.21 -3.56
CA GLY B 100 5.38 -25.45 -4.46
C GLY B 100 4.91 -25.34 -5.89
N ASP B 101 3.62 -25.54 -6.15
CA ASP B 101 3.14 -25.67 -7.52
C ASP B 101 1.97 -24.72 -7.79
N GLY B 102 1.94 -23.57 -7.12
CA GLY B 102 0.92 -22.59 -7.33
C GLY B 102 -0.43 -23.11 -6.81
N GLN B 103 -1.47 -22.45 -7.27
CA GLN B 103 -2.86 -22.80 -6.93
C GLN B 103 -3.60 -22.98 -8.24
N SER B 104 -3.83 -24.22 -8.62
CA SER B 104 -4.46 -24.45 -9.90
C SER B 104 -5.97 -24.37 -9.83
N LEU B 105 -6.55 -24.55 -8.64
CA LEU B 105 -7.98 -24.67 -8.47
C LEU B 105 -8.46 -23.53 -7.57
N TRP B 106 -9.41 -22.73 -8.10
CA TRP B 106 -9.98 -21.60 -7.39
C TRP B 106 -11.50 -21.70 -7.38
N GLY B 107 -12.12 -21.19 -6.33
CA GLY B 107 -13.56 -20.96 -6.37
C GLY B 107 -13.92 -19.69 -7.11
N PRO B 108 -15.22 -19.48 -7.32
CA PRO B 108 -15.68 -18.24 -7.98
C PRO B 108 -15.58 -17.00 -7.09
N GLY B 109 -15.44 -17.18 -5.80
CA GLY B 109 -15.42 -16.07 -4.87
C GLY B 109 -16.78 -15.81 -4.23
N THR B 110 -16.73 -15.25 -3.02
CA THR B 110 -17.92 -14.69 -2.37
C THR B 110 -17.63 -13.23 -2.01
N LEU B 111 -18.60 -12.37 -2.30
CA LEU B 111 -18.42 -10.95 -2.10
C LEU B 111 -18.81 -10.56 -0.69
N VAL B 112 -17.89 -9.90 0.00
CA VAL B 112 -18.11 -9.30 1.30
C VAL B 112 -18.14 -7.81 1.12
N THR B 113 -19.22 -7.17 1.54
CA THR B 113 -19.31 -5.72 1.44
C THR B 113 -19.40 -5.15 2.86
N VAL B 114 -18.38 -4.42 3.27
CA VAL B 114 -18.39 -3.79 4.59
C VAL B 114 -18.72 -2.34 4.35
N SER B 115 -19.94 -1.99 4.72
CA SER B 115 -20.41 -0.64 4.45
C SER B 115 -21.49 -0.28 5.44
N SER B 116 -21.55 1.01 5.76
CA SER B 116 -22.70 1.57 6.41
C SER B 116 -23.85 1.62 5.40
N GLY B 117 -25.04 1.81 5.92
CA GLY B 117 -26.20 1.67 5.06
C GLY B 117 -26.91 0.35 5.26
N GLN B 118 -27.85 0.11 4.38
CA GLN B 118 -28.71 -1.07 4.45
C GLN B 118 -28.95 -1.53 3.04
N PRO B 119 -29.45 -2.75 2.86
CA PRO B 119 -29.71 -3.22 1.51
C PRO B 119 -30.74 -2.34 0.83
N LYS B 120 -30.55 -2.13 -0.45
CA LYS B 120 -31.50 -1.40 -1.26
C LYS B 120 -31.71 -2.15 -2.56
N ALA B 121 -32.97 -2.32 -2.93
CA ALA B 121 -33.31 -2.99 -4.16
C ALA B 121 -33.10 -2.05 -5.35
N PRO B 122 -32.75 -2.59 -6.51
CA PRO B 122 -32.62 -1.75 -7.71
C PRO B 122 -33.95 -1.33 -8.27
N SER B 123 -33.93 -0.14 -8.87
CA SER B 123 -34.96 0.26 -9.83
C SER B 123 -34.47 -0.18 -11.20
N VAL B 124 -35.38 -0.65 -12.04
CA VAL B 124 -35.04 -1.04 -13.39
C VAL B 124 -35.76 -0.11 -14.36
N PHE B 125 -34.99 0.51 -15.24
CA PHE B 125 -35.55 1.40 -16.25
C PHE B 125 -35.12 0.97 -17.64
N PRO B 126 -36.00 1.05 -18.61
CA PRO B 126 -35.62 0.74 -19.98
C PRO B 126 -34.74 1.82 -20.57
N LEU B 127 -33.91 1.42 -21.54
CA LEU B 127 -33.05 2.30 -22.30
C LEU B 127 -33.44 2.16 -23.75
N ALA B 128 -33.85 3.27 -24.36
CA ALA B 128 -34.21 3.29 -25.77
C ALA B 128 -33.94 4.67 -26.34
N PRO B 129 -33.71 4.77 -27.65
CA PRO B 129 -33.43 6.09 -28.24
C PRO B 129 -34.69 6.94 -28.33
N CYS B 130 -34.46 8.23 -28.50
N CYS B 130 -34.49 8.23 -28.50
CA CYS B 130 -35.52 9.18 -28.79
CA CYS B 130 -35.57 9.21 -28.44
C CYS B 130 -36.16 8.77 -30.10
C CYS B 130 -36.73 8.89 -29.40
N SER B 136 -35.81 2.31 -38.09
CA SER B 136 -34.40 1.94 -38.18
C SER B 136 -34.26 0.44 -38.15
N SER B 137 -33.68 -0.11 -39.24
CA SER B 137 -33.54 -1.55 -39.36
C SER B 137 -32.74 -2.15 -38.22
N THR B 138 -31.96 -1.35 -37.49
CA THR B 138 -31.20 -1.85 -36.35
C THR B 138 -31.27 -0.86 -35.20
N VAL B 139 -31.32 -1.39 -33.99
CA VAL B 139 -31.53 -0.59 -32.81
C VAL B 139 -30.86 -1.27 -31.63
N THR B 140 -30.32 -0.46 -30.75
CA THR B 140 -29.79 -0.91 -29.49
C THR B 140 -30.74 -0.49 -28.37
N LEU B 141 -31.18 -1.47 -27.59
CA LEU B 141 -32.04 -1.26 -26.42
C LEU B 141 -31.32 -1.76 -25.17
N GLY B 142 -31.88 -1.46 -24.00
CA GLY B 142 -31.22 -1.97 -22.81
C GLY B 142 -32.04 -1.74 -21.55
N CYS B 143 -31.42 -2.11 -20.42
CA CYS B 143 -31.97 -1.89 -19.09
C CYS B 143 -30.92 -1.28 -18.22
N LEU B 144 -31.31 -0.24 -17.50
CA LEU B 144 -30.52 0.41 -16.46
C LEU B 144 -31.01 -0.09 -15.10
N VAL B 145 -30.09 -0.66 -14.35
CA VAL B 145 -30.35 -1.26 -13.05
C VAL B 145 -29.69 -0.34 -12.03
N LYS B 146 -30.51 0.47 -11.35
CA LYS B 146 -30.04 1.66 -10.65
C LYS B 146 -30.28 1.57 -9.14
N GLY B 147 -29.27 1.93 -8.37
CA GLY B 147 -29.45 2.22 -6.95
C GLY B 147 -29.62 1.04 -6.01
N TYR B 148 -28.77 0.04 -6.17
CA TYR B 148 -28.86 -1.15 -5.34
C TYR B 148 -27.64 -1.28 -4.44
N LEU B 149 -27.83 -2.06 -3.36
CA LEU B 149 -26.76 -2.40 -2.43
C LEU B 149 -27.17 -3.67 -1.69
N PRO B 150 -26.26 -4.63 -1.50
CA PRO B 150 -24.92 -4.75 -2.10
C PRO B 150 -24.95 -5.40 -3.48
N GLU B 151 -23.79 -5.44 -4.12
N GLU B 151 -23.79 -5.44 -4.13
CA GLU B 151 -23.63 -6.38 -5.21
CA GLU B 151 -23.62 -6.37 -5.23
C GLU B 151 -23.83 -7.80 -4.70
C GLU B 151 -23.84 -7.79 -4.70
N PRO B 152 -24.18 -8.73 -5.59
CA PRO B 152 -24.40 -8.58 -7.02
C PRO B 152 -25.86 -8.47 -7.41
N VAL B 153 -26.05 -8.05 -8.65
CA VAL B 153 -27.29 -8.30 -9.38
C VAL B 153 -26.93 -9.26 -10.50
N THR B 154 -27.93 -10.01 -10.95
CA THR B 154 -27.82 -10.75 -12.20
C THR B 154 -28.78 -10.16 -13.23
N VAL B 155 -28.31 -10.08 -14.46
CA VAL B 155 -29.06 -9.57 -15.61
C VAL B 155 -28.86 -10.57 -16.73
N THR B 156 -29.97 -11.16 -17.20
CA THR B 156 -29.99 -11.93 -18.43
C THR B 156 -31.02 -11.33 -19.37
N TRP B 157 -31.05 -11.85 -20.59
CA TRP B 157 -31.98 -11.40 -21.61
C TRP B 157 -32.74 -12.59 -22.18
N ASN B 158 -34.07 -12.47 -22.22
CA ASN B 158 -34.93 -13.54 -22.72
C ASN B 158 -34.61 -14.85 -22.01
N SER B 159 -34.39 -14.73 -20.72
CA SER B 159 -34.08 -15.85 -19.86
C SER B 159 -32.84 -16.61 -20.33
N GLY B 160 -31.89 -15.91 -20.94
CA GLY B 160 -30.61 -16.46 -21.33
C GLY B 160 -30.61 -17.17 -22.67
N THR B 161 -31.68 -17.07 -23.44
CA THR B 161 -31.69 -17.64 -24.77
C THR B 161 -31.37 -16.64 -25.85
N LEU B 162 -31.37 -15.35 -25.54
CA LEU B 162 -30.90 -14.34 -26.47
C LEU B 162 -29.39 -14.29 -26.37
N THR B 163 -28.70 -14.50 -27.49
CA THR B 163 -27.26 -14.72 -27.47
C THR B 163 -26.49 -13.62 -28.18
N ASN B 164 -26.54 -13.57 -29.50
CA ASN B 164 -25.83 -12.53 -30.22
C ASN B 164 -26.14 -11.15 -29.65
N GLY B 165 -25.10 -10.37 -29.41
CA GLY B 165 -25.25 -8.94 -29.36
C GLY B 165 -25.60 -8.34 -28.03
N VAL B 166 -25.21 -8.97 -26.93
CA VAL B 166 -25.42 -8.43 -25.59
C VAL B 166 -24.13 -7.85 -25.05
N ARG B 167 -24.23 -6.67 -24.42
CA ARG B 167 -23.11 -6.03 -23.74
C ARG B 167 -23.59 -5.60 -22.38
N THR B 168 -23.08 -6.24 -21.34
CA THR B 168 -23.40 -5.87 -19.97
C THR B 168 -22.15 -5.25 -19.39
N PHE B 169 -22.26 -4.02 -18.97
CA PHE B 169 -21.12 -3.27 -18.50
C PHE B 169 -20.86 -3.55 -17.03
N PRO B 170 -19.62 -3.34 -16.58
CA PRO B 170 -19.34 -3.48 -15.14
C PRO B 170 -20.16 -2.47 -14.35
N SER B 171 -20.54 -2.87 -13.14
CA SER B 171 -21.24 -1.96 -12.26
C SER B 171 -20.32 -0.82 -11.87
N VAL B 172 -20.94 0.29 -11.45
CA VAL B 172 -20.22 1.41 -10.85
C VAL B 172 -20.85 1.71 -9.50
N ARG B 173 -20.01 1.95 -8.49
CA ARG B 173 -20.49 2.38 -7.20
C ARG B 173 -20.49 3.89 -7.20
N GLN B 174 -21.67 4.48 -7.05
N GLN B 174 -21.67 4.48 -7.06
CA GLN B 174 -21.86 5.92 -7.08
CA GLN B 174 -21.82 5.93 -7.10
C GLN B 174 -21.42 6.54 -5.76
C GLN B 174 -21.42 6.54 -5.76
N SER B 175 -21.32 7.87 -5.73
CA SER B 175 -20.85 8.53 -4.51
C SER B 175 -21.79 8.29 -3.34
N SER B 176 -23.07 8.02 -3.59
CA SER B 176 -24.02 7.65 -2.55
C SER B 176 -23.74 6.29 -1.92
N GLY B 177 -22.80 5.52 -2.45
CA GLY B 177 -22.62 4.17 -1.98
C GLY B 177 -23.51 3.15 -2.65
N LEU B 178 -24.44 3.58 -3.49
CA LEU B 178 -25.30 2.67 -4.24
C LEU B 178 -24.69 2.35 -5.59
N TYR B 179 -24.95 1.14 -6.08
CA TYR B 179 -24.44 0.69 -7.37
C TYR B 179 -25.44 0.90 -8.47
N SER B 180 -24.92 0.92 -9.70
N SER B 180 -24.92 0.96 -9.69
CA SER B 180 -25.76 0.98 -10.88
CA SER B 180 -25.72 1.01 -10.89
C SER B 180 -25.05 0.23 -12.00
C SER B 180 -25.05 0.16 -11.96
N LEU B 181 -25.85 -0.36 -12.88
CA LEU B 181 -25.33 -1.19 -13.96
C LEU B 181 -26.26 -1.06 -15.15
N SER B 182 -25.71 -1.08 -16.35
CA SER B 182 -26.50 -1.14 -17.56
C SER B 182 -26.12 -2.33 -18.42
N SER B 183 -27.11 -2.77 -19.20
CA SER B 183 -26.95 -3.88 -20.12
C SER B 183 -27.73 -3.49 -21.35
N VAL B 184 -27.11 -3.62 -22.52
CA VAL B 184 -27.75 -3.27 -23.78
C VAL B 184 -27.69 -4.46 -24.70
N VAL B 185 -28.58 -4.47 -25.69
CA VAL B 185 -28.67 -5.55 -26.65
C VAL B 185 -28.98 -4.93 -28.01
N SER B 186 -28.35 -5.44 -29.05
CA SER B 186 -28.55 -4.91 -30.39
C SER B 186 -29.48 -5.83 -31.14
N VAL B 187 -30.53 -5.26 -31.71
CA VAL B 187 -31.52 -6.06 -32.41
C VAL B 187 -31.85 -5.41 -33.75
N THR B 188 -32.37 -6.25 -34.64
CA THR B 188 -32.85 -5.84 -35.94
C THR B 188 -34.35 -5.81 -35.93
N SER B 189 -34.91 -5.22 -36.97
CA SER B 189 -36.36 -5.06 -37.03
C SER B 189 -37.07 -6.40 -37.07
N SER B 190 -36.43 -7.43 -37.60
CA SER B 190 -37.04 -8.75 -37.59
C SER B 190 -37.10 -9.39 -36.21
N SER B 191 -36.42 -8.83 -35.20
CA SER B 191 -36.36 -9.46 -33.89
C SER B 191 -37.72 -9.48 -33.18
N GLN B 192 -37.85 -10.43 -32.26
CA GLN B 192 -38.92 -10.42 -31.29
C GLN B 192 -38.56 -9.45 -30.17
N PRO B 193 -39.52 -9.13 -29.31
CA PRO B 193 -39.23 -8.26 -28.16
C PRO B 193 -38.12 -8.81 -27.29
N VAL B 194 -37.38 -7.92 -26.65
CA VAL B 194 -36.32 -8.30 -25.75
C VAL B 194 -36.71 -7.89 -24.35
N THR B 195 -36.50 -8.83 -23.44
CA THR B 195 -36.84 -8.69 -22.03
C THR B 195 -35.59 -8.88 -21.21
N CYS B 196 -35.27 -7.89 -20.37
CA CYS B 196 -34.21 -8.07 -19.39
C CYS B 196 -34.79 -8.63 -18.11
N ASN B 197 -34.11 -9.65 -17.59
CA ASN B 197 -34.47 -10.32 -16.35
C ASN B 197 -33.45 -9.89 -15.31
N VAL B 198 -33.90 -9.15 -14.30
CA VAL B 198 -33.02 -8.57 -13.30
C VAL B 198 -33.33 -9.20 -11.96
N ALA B 199 -32.30 -9.68 -11.28
CA ALA B 199 -32.44 -10.21 -9.93
C ALA B 199 -31.43 -9.61 -8.99
N HIS B 200 -31.88 -9.31 -7.78
CA HIS B 200 -31.04 -8.78 -6.72
C HIS B 200 -31.34 -9.70 -5.55
N PRO B 201 -30.52 -10.72 -5.34
CA PRO B 201 -30.80 -11.70 -4.28
C PRO B 201 -30.81 -11.09 -2.88
N ALA B 202 -29.98 -10.09 -2.60
CA ALA B 202 -29.90 -9.56 -1.24
C ALA B 202 -31.23 -8.99 -0.78
N THR B 203 -32.06 -8.55 -1.72
CA THR B 203 -33.38 -8.02 -1.39
C THR B 203 -34.50 -8.89 -1.96
N ASN B 204 -34.17 -10.05 -2.51
CA ASN B 204 -35.17 -10.94 -3.09
C ASN B 204 -35.97 -10.24 -4.18
N THR B 205 -35.30 -9.38 -4.94
CA THR B 205 -35.93 -8.66 -6.02
C THR B 205 -35.84 -9.45 -7.31
N LYS B 206 -36.96 -9.55 -8.00
CA LYS B 206 -37.01 -10.16 -9.34
C LYS B 206 -37.92 -9.32 -10.22
N VAL B 207 -37.35 -8.79 -11.32
CA VAL B 207 -38.09 -7.94 -12.26
C VAL B 207 -37.77 -8.37 -13.70
N ASP B 208 -38.82 -8.53 -14.51
CA ASP B 208 -38.71 -8.68 -15.96
C ASP B 208 -39.27 -7.45 -16.66
N LYS B 209 -38.49 -6.89 -17.60
CA LYS B 209 -38.90 -5.69 -18.33
C LYS B 209 -38.67 -5.87 -19.82
N THR B 210 -39.73 -5.82 -20.59
CA THR B 210 -39.63 -5.89 -22.04
C THR B 210 -39.46 -4.48 -22.56
N VAL B 211 -38.47 -4.29 -23.42
CA VAL B 211 -38.07 -2.96 -23.84
C VAL B 211 -38.48 -2.80 -25.29
N ALA B 212 -39.29 -1.80 -25.57
CA ALA B 212 -39.74 -1.58 -26.93
C ALA B 212 -38.99 -0.40 -27.54
N PRO B 213 -38.68 -0.44 -28.84
CA PRO B 213 -38.07 0.72 -29.48
C PRO B 213 -38.88 2.00 -29.29
N SER B 214 -38.18 3.12 -29.28
CA SER B 214 -38.75 4.47 -29.21
C SER B 214 -39.26 4.77 -27.81
N ASP C 1 -12.24 7.21 -2.47
CA ASP C 1 -12.11 8.68 -2.31
C ASP C 1 -11.04 9.23 -3.24
N ILE C 2 -10.53 10.41 -2.89
CA ILE C 2 -9.52 11.07 -3.70
C ILE C 2 -8.16 10.45 -3.42
N VAL C 3 -7.39 10.18 -4.46
CA VAL C 3 -6.07 9.58 -4.35
C VAL C 3 -5.04 10.67 -4.60
N MET C 4 -4.04 10.74 -3.74
CA MET C 4 -2.96 11.70 -3.86
C MET C 4 -1.72 11.00 -4.41
N THR C 5 -1.23 11.47 -5.55
CA THR C 5 -0.10 10.87 -6.24
C THR C 5 1.09 11.82 -6.15
N GLN C 6 2.18 11.36 -5.53
CA GLN C 6 3.37 12.18 -5.35
C GLN C 6 4.49 11.67 -6.23
N THR C 7 5.14 12.60 -6.93
CA THR C 7 6.28 12.25 -7.77
C THR C 7 7.34 13.34 -7.65
N PRO C 8 8.63 13.00 -7.82
CA PRO C 8 9.13 11.64 -7.98
C PRO C 8 9.22 11.02 -6.59
N ALA C 9 9.57 9.74 -6.51
CA ALA C 9 9.73 9.15 -5.19
C ALA C 9 11.06 9.52 -4.55
N SER C 10 12.10 9.77 -5.33
CA SER C 10 13.35 10.26 -4.78
C SER C 10 13.97 11.23 -5.77
N VAL C 11 14.78 12.14 -5.25
CA VAL C 11 15.46 13.12 -6.07
C VAL C 11 16.76 13.52 -5.37
N GLU C 12 17.76 13.79 -6.19
CA GLU C 12 19.08 14.19 -5.73
C GLU C 12 19.31 15.59 -6.27
N ALA C 13 19.71 16.52 -5.40
CA ALA C 13 20.12 17.85 -5.85
C ALA C 13 21.41 18.27 -5.17
N ALA C 14 22.22 19.02 -5.92
CA ALA C 14 23.38 19.68 -5.33
C ALA C 14 22.93 20.78 -4.40
N VAL C 15 23.72 20.99 -3.34
CA VAL C 15 23.60 22.19 -2.52
C VAL C 15 23.52 23.39 -3.45
N GLY C 16 22.51 24.24 -3.22
CA GLY C 16 22.29 25.44 -4.02
C GLY C 16 21.41 25.24 -5.22
N GLY C 17 21.08 24.00 -5.55
CA GLY C 17 20.21 23.71 -6.67
C GLY C 17 18.75 23.95 -6.31
N THR C 18 17.90 23.80 -7.32
CA THR C 18 16.45 23.90 -7.13
C THR C 18 15.79 22.55 -7.38
N VAL C 19 14.81 22.24 -6.55
CA VAL C 19 14.13 20.95 -6.53
C VAL C 19 12.63 21.20 -6.58
N ALA C 20 11.93 20.48 -7.47
CA ALA C 20 10.48 20.58 -7.57
C ALA C 20 9.85 19.21 -7.33
N ILE C 21 8.92 19.17 -6.40
CA ILE C 21 8.23 17.94 -6.01
C ILE C 21 6.75 18.15 -6.32
N LYS C 22 6.14 17.16 -6.97
CA LYS C 22 4.79 17.32 -7.47
C LYS C 22 3.83 16.38 -6.76
N CYS C 23 2.59 16.83 -6.66
N CYS C 23 2.62 16.87 -6.55
CA CYS C 23 1.52 16.08 -6.00
CA CYS C 23 1.52 16.06 -6.05
C CYS C 23 0.26 16.24 -6.83
C CYS C 23 0.31 16.24 -6.93
N GLN C 24 -0.32 15.12 -7.25
CA GLN C 24 -1.52 15.12 -8.08
C GLN C 24 -2.69 14.60 -7.26
N ALA C 25 -3.82 15.30 -7.36
CA ALA C 25 -5.09 14.83 -6.82
C ALA C 25 -5.96 14.35 -7.97
N SER C 26 -6.71 13.25 -7.74
CA SER C 26 -7.60 12.72 -8.77
C SER C 26 -8.87 13.52 -8.96
N GLN C 27 -9.26 14.34 -7.99
CA GLN C 27 -10.35 15.28 -8.14
C GLN C 27 -9.87 16.63 -7.63
N SER C 28 -10.48 17.70 -8.12
CA SER C 28 -10.10 19.02 -7.63
C SER C 28 -10.25 19.08 -6.12
N ILE C 29 -9.21 19.56 -5.44
CA ILE C 29 -9.33 19.99 -4.06
C ILE C 29 -9.12 21.50 -3.96
N ARG C 30 -9.21 22.21 -5.09
CA ARG C 30 -8.94 23.64 -5.13
C ARG C 30 -7.56 23.89 -4.53
N SER C 31 -7.46 24.72 -3.49
CA SER C 31 -6.17 25.08 -2.90
C SER C 31 -5.85 24.32 -1.61
N TYR C 32 -6.64 23.31 -1.25
CA TYR C 32 -6.61 22.75 0.11
C TYR C 32 -5.65 21.56 0.14
N LEU C 33 -4.36 21.91 0.17
CA LEU C 33 -3.24 21.00 0.06
C LEU C 33 -2.13 21.55 0.95
N ALA C 34 -1.60 20.72 1.84
CA ALA C 34 -0.48 21.12 2.67
C ALA C 34 0.75 20.28 2.34
N TRP C 35 1.91 20.78 2.75
CA TRP C 35 3.19 20.12 2.50
C TRP C 35 3.96 20.05 3.79
N TYR C 36 4.54 18.89 4.04
CA TYR C 36 5.31 18.59 5.24
C TYR C 36 6.73 18.16 4.92
N GLN C 37 7.63 18.46 5.85
CA GLN C 37 9.01 17.99 5.87
C GLN C 37 9.15 17.02 7.03
N GLN C 38 9.76 15.87 6.78
CA GLN C 38 10.06 14.93 7.86
C GLN C 38 11.52 14.50 7.83
N LYS C 39 12.23 14.78 8.93
CA LYS C 39 13.57 14.20 9.15
C LYS C 39 13.44 12.83 9.82
N PRO C 40 14.28 11.85 9.49
CA PRO C 40 14.22 10.57 10.19
C PRO C 40 14.20 10.71 11.70
N GLY C 41 13.28 9.99 12.34
CA GLY C 41 13.19 10.00 13.77
C GLY C 41 12.49 11.19 14.37
N GLN C 42 11.88 12.06 13.57
CA GLN C 42 11.16 13.22 14.06
C GLN C 42 9.73 13.17 13.54
N PRO C 43 8.81 13.84 14.19
CA PRO C 43 7.50 14.05 13.59
C PRO C 43 7.63 14.96 12.39
N PRO C 44 6.66 14.93 11.49
CA PRO C 44 6.67 15.87 10.37
C PRO C 44 6.48 17.29 10.86
N LYS C 45 6.93 18.23 10.01
CA LYS C 45 6.83 19.67 10.25
C LYS C 45 6.11 20.31 9.07
N LEU C 46 5.10 21.12 9.36
CA LEU C 46 4.36 21.81 8.31
C LEU C 46 5.23 22.88 7.68
N LEU C 47 5.27 22.89 6.34
CA LEU C 47 5.97 23.87 5.52
C LEU C 47 5.02 24.85 4.86
N ILE C 48 4.02 24.30 4.18
CA ILE C 48 3.13 25.03 3.30
C ILE C 48 1.73 24.56 3.61
N TYR C 49 0.80 25.49 3.62
CA TYR C 49 -0.61 25.14 3.70
C TYR C 49 -1.38 26.01 2.72
N GLU C 50 -2.58 25.53 2.36
CA GLU C 50 -3.41 26.16 1.34
C GLU C 50 -2.63 26.38 0.05
N ALA C 51 -1.85 25.37 -0.31
CA ALA C 51 -1.15 25.23 -1.59
C ALA C 51 0.11 26.10 -1.68
N SER C 52 0.08 27.31 -1.08
CA SER C 52 1.17 28.27 -1.24
C SER C 52 1.46 29.14 -0.02
N LYS C 53 0.71 29.05 1.08
CA LYS C 53 1.01 29.90 2.22
C LYS C 53 2.11 29.28 3.07
N LEU C 54 3.10 30.09 3.44
CA LEU C 54 4.22 29.62 4.26
C LEU C 54 3.85 29.60 5.72
N ALA C 55 4.14 28.50 6.38
CA ALA C 55 3.90 28.38 7.80
C ALA C 55 4.95 29.18 8.58
N SER C 56 4.63 29.53 9.81
CA SER C 56 5.53 30.33 10.64
C SER C 56 6.90 29.69 10.73
N GLY C 57 7.94 30.51 10.58
CA GLY C 57 9.29 30.05 10.80
C GLY C 57 9.85 29.10 9.76
N VAL C 58 9.30 29.09 8.56
CA VAL C 58 9.79 28.23 7.48
C VAL C 58 10.63 29.07 6.54
N PRO C 59 11.84 28.62 6.18
CA PRO C 59 12.70 29.47 5.35
C PRO C 59 12.06 29.81 4.01
N SER C 60 12.45 30.98 3.49
CA SER C 60 11.89 31.52 2.24
C SER C 60 12.22 30.66 1.02
N ARG C 61 13.22 29.81 1.10
CA ARG C 61 13.52 28.95 -0.05
C ARG C 61 12.45 27.90 -0.31
N PHE C 62 11.51 27.68 0.60
CA PHE C 62 10.36 26.81 0.34
C PHE C 62 9.20 27.61 -0.24
N SER C 63 8.57 27.08 -1.28
CA SER C 63 7.40 27.72 -1.85
C SER C 63 6.52 26.67 -2.51
N GLY C 64 5.23 26.98 -2.57
CA GLY C 64 4.25 26.07 -3.13
C GLY C 64 3.43 26.76 -4.19
N SER C 65 3.06 25.99 -5.22
CA SER C 65 2.20 26.45 -6.30
C SER C 65 1.10 25.43 -6.58
N GLY C 66 0.12 25.87 -7.35
CA GLY C 66 -0.87 24.97 -7.91
C GLY C 66 -2.22 25.13 -7.24
N SER C 67 -3.21 24.51 -7.89
CA SER C 67 -4.58 24.60 -7.42
C SER C 67 -5.41 23.63 -8.26
N GLY C 68 -6.39 23.02 -7.61
CA GLY C 68 -7.22 22.04 -8.27
C GLY C 68 -6.63 20.63 -8.17
N THR C 69 -5.89 20.25 -9.21
CA THR C 69 -5.46 18.88 -9.39
C THR C 69 -3.94 18.70 -9.39
N GLN C 70 -3.17 19.76 -9.63
CA GLN C 70 -1.72 19.62 -9.72
C GLN C 70 -1.04 20.64 -8.83
N PHE C 71 -0.06 20.17 -8.06
CA PHE C 71 0.61 21.00 -7.06
C PHE C 71 2.09 20.74 -7.09
N THR C 72 2.84 21.74 -6.65
CA THR C 72 4.30 21.68 -6.69
C THR C 72 4.90 22.31 -5.44
N LEU C 73 5.75 21.56 -4.74
CA LEU C 73 6.65 22.10 -3.72
C LEU C 73 8.01 22.37 -4.37
N THR C 74 8.50 23.61 -4.28
CA THR C 74 9.81 23.99 -4.81
C THR C 74 10.75 24.43 -3.69
N ILE C 75 11.95 23.87 -3.68
CA ILE C 75 13.03 24.31 -2.79
C ILE C 75 14.04 25.01 -3.69
N SER C 76 14.13 26.32 -3.57
CA SER C 76 15.03 27.12 -4.39
C SER C 76 16.30 27.44 -3.61
N GLY C 77 17.38 26.69 -3.88
CA GLY C 77 18.62 26.80 -3.14
C GLY C 77 18.74 25.77 -2.03
N VAL C 78 18.81 24.51 -2.43
CA VAL C 78 18.78 23.42 -1.46
C VAL C 78 19.98 23.51 -0.52
N GLU C 79 19.74 23.20 0.74
CA GLU C 79 20.77 23.12 1.78
C GLU C 79 20.82 21.71 2.34
N CYS C 80 21.95 21.37 2.98
CA CYS C 80 22.09 20.04 3.57
C CYS C 80 20.96 19.75 4.55
N ASP C 81 20.48 20.77 5.27
CA ASP C 81 19.38 20.61 6.22
C ASP C 81 18.09 20.18 5.53
N ASP C 82 17.99 20.38 4.23
CA ASP C 82 16.77 20.02 3.54
C ASP C 82 16.72 18.54 3.19
N ALA C 83 17.79 17.78 3.48
CA ALA C 83 17.75 16.34 3.24
C ALA C 83 16.71 15.71 4.16
N ALA C 84 15.62 15.23 3.56
CA ALA C 84 14.43 14.83 4.30
C ALA C 84 13.46 14.16 3.33
N THR C 85 12.34 13.69 3.86
CA THR C 85 11.24 13.18 3.06
C THR C 85 10.09 14.17 3.14
N TYR C 86 9.51 14.49 2.00
CA TYR C 86 8.47 15.50 1.91
C TYR C 86 7.16 14.83 1.51
N TYR C 87 6.07 15.29 2.15
CA TYR C 87 4.73 14.74 1.93
C TYR C 87 3.74 15.85 1.61
N CYS C 88 2.90 15.63 0.60
CA CYS C 88 1.72 16.46 0.49
C CYS C 88 0.54 15.80 1.22
N GLN C 89 -0.43 16.62 1.58
CA GLN C 89 -1.61 16.14 2.31
C GLN C 89 -2.86 16.85 1.83
N ARG C 90 -3.86 16.05 1.44
CA ARG C 90 -5.17 16.59 1.11
C ARG C 90 -5.84 17.17 2.36
N ASN C 91 -6.45 18.35 2.20
CA ASN C 91 -6.98 19.13 3.32
C ASN C 91 -8.45 19.45 3.12
N TYR C 92 -9.12 18.72 2.20
CA TYR C 92 -10.52 18.90 1.87
C TYR C 92 -11.13 17.54 1.62
N ASP C 93 -12.42 17.40 1.92
CA ASP C 93 -13.14 16.15 1.76
C ASP C 93 -14.40 16.50 0.98
N SER C 94 -14.47 16.03 -0.26
CA SER C 94 -15.60 16.38 -1.13
C SER C 94 -16.90 15.78 -0.62
N TYR C 95 -16.86 14.53 -0.15
CA TYR C 95 -18.08 13.86 0.33
C TYR C 95 -18.76 14.66 1.45
N SER C 96 -17.99 15.10 2.44
CA SER C 96 -18.57 15.74 3.61
C SER C 96 -18.60 17.27 3.54
N GLY C 97 -17.80 17.87 2.67
CA GLY C 97 -17.67 19.32 2.63
C GLY C 97 -16.74 19.91 3.66
N ALA C 98 -16.08 19.09 4.45
CA ALA C 98 -15.23 19.58 5.54
C ALA C 98 -13.78 19.73 5.08
N TYR C 99 -13.02 20.46 5.89
CA TYR C 99 -11.66 20.86 5.53
C TYR C 99 -10.62 20.31 6.51
N TYR C 100 -10.83 19.09 7.00
CA TYR C 100 -9.84 18.50 7.88
C TYR C 100 -8.66 17.93 7.08
N PRO C 101 -7.48 17.89 7.68
CA PRO C 101 -6.31 17.34 6.99
C PRO C 101 -6.37 15.82 7.00
N ASN C 102 -6.24 15.22 5.82
CA ASN C 102 -6.46 13.78 5.72
C ASN C 102 -5.38 13.06 4.89
N GLY C 103 -5.74 12.49 3.74
CA GLY C 103 -4.85 11.53 3.09
C GLY C 103 -3.56 12.18 2.63
N PHE C 104 -2.46 11.43 2.76
CA PHE C 104 -1.13 11.85 2.38
C PHE C 104 -0.76 11.28 1.02
N GLY C 105 0.12 12.00 0.32
CA GLY C 105 0.86 11.39 -0.76
C GLY C 105 1.90 10.42 -0.22
N GLY C 106 2.49 9.66 -1.14
CA GLY C 106 3.44 8.61 -0.81
C GLY C 106 4.79 9.11 -0.34
N GLY C 107 5.10 10.36 -0.57
CA GLY C 107 6.34 10.90 -0.06
C GLY C 107 7.42 10.99 -1.13
N THR C 108 8.30 11.97 -0.97
CA THR C 108 9.46 12.14 -1.85
C THR C 108 10.69 12.34 -0.99
N GLU C 109 11.70 11.51 -1.20
CA GLU C 109 12.96 11.62 -0.48
C GLU C 109 13.89 12.54 -1.26
N VAL C 110 14.48 13.52 -0.57
CA VAL C 110 15.41 14.47 -1.15
C VAL C 110 16.79 14.21 -0.55
N VAL C 111 17.72 13.82 -1.41
CA VAL C 111 19.13 13.62 -1.07
C VAL C 111 19.92 14.83 -1.54
N VAL C 112 20.77 15.36 -0.67
CA VAL C 112 21.49 16.59 -0.97
C VAL C 112 22.95 16.27 -1.18
N LYS C 113 23.47 16.61 -2.36
N LYS C 113 23.47 16.64 -2.34
CA LYS C 113 24.86 16.34 -2.72
CA LYS C 113 24.85 16.37 -2.74
C LYS C 113 25.71 17.50 -2.23
C LYS C 113 25.74 17.50 -2.24
N GLY C 114 26.57 17.22 -1.25
CA GLY C 114 27.46 18.20 -0.68
C GLY C 114 28.89 17.99 -1.13
N ASP C 115 29.80 18.59 -0.39
CA ASP C 115 31.22 18.46 -0.72
C ASP C 115 31.71 17.05 -0.38
N PRO C 116 32.61 16.49 -1.19
CA PRO C 116 33.15 15.16 -0.88
C PRO C 116 34.04 15.18 0.35
N VAL C 117 33.86 14.17 1.21
N VAL C 117 33.86 14.20 1.24
CA VAL C 117 34.60 14.00 2.46
CA VAL C 117 34.73 14.07 2.39
C VAL C 117 34.94 12.52 2.61
C VAL C 117 34.97 12.59 2.63
N ALA C 118 36.22 12.22 2.82
CA ALA C 118 36.67 10.84 2.92
C ALA C 118 36.44 10.32 4.34
N PRO C 119 36.01 9.07 4.48
CA PRO C 119 35.65 8.58 5.81
C PRO C 119 36.85 8.24 6.67
N SER C 120 36.64 8.31 7.98
N SER C 120 36.67 8.37 7.97
CA SER C 120 37.51 7.66 8.95
CA SER C 120 37.48 7.66 8.94
C SER C 120 36.93 6.28 9.26
C SER C 120 36.91 6.25 9.08
N VAL C 121 37.79 5.26 9.21
CA VAL C 121 37.38 3.86 9.25
C VAL C 121 37.90 3.21 10.51
N LEU C 122 37.01 2.53 11.25
CA LEU C 122 37.31 1.96 12.55
C LEU C 122 36.79 0.54 12.54
N ILE C 123 37.54 -0.39 13.10
CA ILE C 123 37.03 -1.75 13.27
C ILE C 123 37.12 -2.08 14.75
N PHE C 124 36.08 -2.77 15.25
CA PHE C 124 35.91 -3.10 16.67
C PHE C 124 35.80 -4.61 16.80
N PRO C 125 36.80 -5.29 17.36
CA PRO C 125 36.66 -6.73 17.62
C PRO C 125 35.64 -6.99 18.71
N PRO C 126 35.07 -8.19 18.75
CA PRO C 126 34.01 -8.47 19.73
C PRO C 126 34.54 -8.48 21.15
N ALA C 127 33.85 -7.79 22.03
CA ALA C 127 34.14 -7.93 23.45
C ALA C 127 34.25 -9.39 23.83
N ALA C 128 35.10 -9.68 24.80
CA ALA C 128 35.19 -11.05 25.30
C ALA C 128 33.84 -11.58 25.78
N ASP C 129 33.00 -10.69 26.33
CA ASP C 129 31.70 -11.12 26.85
C ASP C 129 30.79 -11.61 25.75
N GLN C 130 30.97 -11.12 24.52
CA GLN C 130 30.19 -11.60 23.39
C GLN C 130 30.40 -13.09 23.15
N VAL C 131 31.65 -13.54 23.21
CA VAL C 131 31.95 -14.90 22.77
C VAL C 131 31.21 -15.91 23.63
N ALA C 132 31.27 -15.73 24.96
CA ALA C 132 30.57 -16.62 25.88
C ALA C 132 29.12 -16.88 25.49
N THR C 133 28.51 -15.99 24.72
CA THR C 133 27.10 -16.13 24.34
C THR C 133 26.90 -16.97 23.08
N GLY C 134 27.98 -17.35 22.40
CA GLY C 134 27.91 -18.16 21.20
C GLY C 134 27.71 -17.40 19.92
N THR C 135 27.43 -16.10 19.98
CA THR C 135 27.31 -15.25 18.82
C THR C 135 28.27 -14.08 18.95
N VAL C 136 28.93 -13.73 17.86
CA VAL C 136 29.95 -12.69 17.82
C VAL C 136 29.56 -11.68 16.75
N THR C 137 29.56 -10.40 17.10
CA THR C 137 29.29 -9.35 16.15
C THR C 137 30.53 -8.48 16.07
N ILE C 138 31.08 -8.37 14.86
CA ILE C 138 32.23 -7.50 14.59
C ILE C 138 31.69 -6.24 13.94
N VAL C 139 32.13 -5.07 14.42
CA VAL C 139 31.59 -3.79 13.98
C VAL C 139 32.65 -3.03 13.21
N CYS C 140 32.25 -2.49 12.07
CA CYS C 140 33.08 -1.60 11.28
C CYS C 140 32.34 -0.29 11.08
N VAL C 141 32.99 0.83 11.35
CA VAL C 141 32.37 2.16 11.26
C VAL C 141 33.11 3.00 10.22
N ALA C 142 32.34 3.63 9.33
CA ALA C 142 32.85 4.65 8.40
C ALA C 142 32.23 5.95 8.85
N ASN C 143 33.06 6.85 9.37
CA ASN C 143 32.54 8.06 9.98
C ASN C 143 32.76 9.27 9.07
N LYS C 144 31.74 10.12 9.01
CA LYS C 144 31.73 11.43 8.38
C LYS C 144 32.25 11.41 6.95
N TYR C 145 31.38 11.03 6.03
CA TYR C 145 31.79 10.86 4.64
C TYR C 145 30.67 11.24 3.69
N PHE C 146 31.08 11.71 2.48
CA PHE C 146 30.22 11.90 1.32
C PHE C 146 31.09 11.85 0.08
N PRO C 147 30.67 11.22 -1.00
CA PRO C 147 29.41 10.48 -1.23
C PRO C 147 29.43 9.08 -0.60
N ASP C 148 28.49 8.25 -1.01
CA ASP C 148 28.35 6.92 -0.44
C ASP C 148 29.62 6.07 -0.63
N VAL C 149 29.80 5.12 0.28
CA VAL C 149 30.93 4.21 0.24
C VAL C 149 30.42 2.79 -0.06
N THR C 150 31.37 1.91 -0.36
CA THR C 150 31.13 0.47 -0.43
C THR C 150 31.93 -0.20 0.67
N VAL C 151 31.30 -1.12 1.39
CA VAL C 151 31.97 -1.88 2.44
C VAL C 151 32.09 -3.33 2.00
N THR C 152 33.29 -3.87 2.11
N THR C 152 33.30 -3.86 2.12
CA THR C 152 33.52 -5.27 1.81
CA THR C 152 33.60 -5.25 1.82
C THR C 152 34.23 -5.91 2.99
C THR C 152 34.20 -5.88 3.06
N TRP C 153 33.70 -7.04 3.44
CA TRP C 153 34.23 -7.77 4.57
C TRP C 153 35.01 -8.98 4.07
N GLU C 154 36.14 -9.27 4.71
CA GLU C 154 36.92 -10.44 4.34
C GLU C 154 37.39 -11.16 5.59
N VAL C 155 37.46 -12.49 5.51
CA VAL C 155 37.85 -13.33 6.63
C VAL C 155 38.93 -14.29 6.13
N ASP C 156 40.17 -14.08 6.58
CA ASP C 156 41.35 -14.80 6.10
C ASP C 156 41.48 -14.70 4.57
N GLY C 157 41.07 -13.56 4.02
CA GLY C 157 41.11 -13.33 2.59
C GLY C 157 39.86 -13.70 1.84
N THR C 158 38.90 -14.36 2.47
CA THR C 158 37.67 -14.75 1.79
C THR C 158 36.64 -13.64 1.98
N THR C 159 36.13 -13.12 0.86
CA THR C 159 35.02 -12.17 0.90
C THR C 159 33.80 -12.78 1.58
N GLN C 160 33.12 -11.98 2.39
CA GLN C 160 31.96 -12.45 3.13
C GLN C 160 30.69 -12.02 2.43
N THR C 161 29.77 -12.97 2.25
CA THR C 161 28.52 -12.78 1.52
C THR C 161 27.29 -12.72 2.42
N THR C 162 27.40 -13.15 3.66
CA THR C 162 26.27 -13.30 4.54
C THR C 162 26.65 -12.81 5.92
N GLY C 163 25.64 -12.56 6.74
CA GLY C 163 25.88 -12.12 8.09
C GLY C 163 26.21 -10.65 8.23
N ILE C 164 25.95 -9.86 7.19
CA ILE C 164 26.34 -8.45 7.17
C ILE C 164 25.10 -7.58 7.24
N GLU C 165 25.11 -6.63 8.18
CA GLU C 165 24.04 -5.66 8.32
C GLU C 165 24.67 -4.27 8.31
N ASN C 166 24.11 -3.38 7.50
CA ASN C 166 24.57 -2.00 7.40
C ASN C 166 23.52 -1.03 7.90
N SER C 167 23.96 0.00 8.61
CA SER C 167 23.05 1.03 9.10
C SER C 167 23.71 2.39 8.91
N LYS C 168 23.05 3.25 8.16
CA LYS C 168 23.58 4.57 7.77
C LYS C 168 22.76 5.68 8.42
N THR C 169 23.43 6.61 9.09
CA THR C 169 22.73 7.73 9.68
C THR C 169 22.20 8.65 8.59
N PRO C 170 21.18 9.45 8.92
CA PRO C 170 20.73 10.46 7.97
C PRO C 170 21.84 11.45 7.67
N GLN C 171 21.73 12.12 6.54
CA GLN C 171 22.71 13.13 6.17
C GLN C 171 22.76 14.25 7.20
N ASN C 172 23.98 14.72 7.48
CA ASN C 172 24.17 15.74 8.48
C ASN C 172 23.61 17.07 7.99
N SER C 173 22.92 17.78 8.87
CA SER C 173 22.24 19.01 8.47
C SER C 173 23.21 20.15 8.18
N ALA C 174 24.45 20.06 8.63
CA ALA C 174 25.42 21.10 8.33
C ALA C 174 26.29 20.78 7.12
N ASP C 175 26.74 19.54 6.95
CA ASP C 175 27.72 19.25 5.92
C ASP C 175 27.33 18.11 4.98
N CYS C 176 26.14 17.55 5.10
CA CYS C 176 25.58 16.57 4.18
C CYS C 176 26.18 15.18 4.38
N THR C 177 27.07 14.97 5.34
CA THR C 177 27.78 13.72 5.41
C THR C 177 26.96 12.62 6.09
N TYR C 178 27.39 11.41 5.81
CA TYR C 178 26.85 10.19 6.40
C TYR C 178 27.81 9.60 7.44
N ASN C 179 27.27 8.72 8.25
CA ASN C 179 28.06 7.76 9.00
C ASN C 179 27.46 6.39 8.79
N LEU C 180 28.34 5.37 8.79
CA LEU C 180 27.93 4.02 8.49
C LEU C 180 28.40 3.06 9.56
N SER C 181 27.51 2.17 9.95
CA SER C 181 27.86 1.05 10.81
C SER C 181 27.61 -0.22 10.02
N SER C 182 28.63 -1.06 9.86
CA SER C 182 28.49 -2.32 9.16
C SER C 182 28.91 -3.42 10.12
N THR C 183 28.05 -4.41 10.32
CA THR C 183 28.34 -5.46 11.28
C THR C 183 28.41 -6.81 10.57
N LEU C 184 29.36 -7.62 10.99
CA LEU C 184 29.49 -9.00 10.55
C LEU C 184 29.23 -9.88 11.76
N THR C 185 28.20 -10.73 11.67
CA THR C 185 27.80 -11.60 12.77
C THR C 185 28.14 -13.04 12.40
N LEU C 186 28.71 -13.78 13.35
CA LEU C 186 29.11 -15.17 13.17
C LEU C 186 28.82 -15.92 14.46
N THR C 187 28.84 -17.25 14.36
CA THR C 187 28.88 -18.07 15.57
C THR C 187 30.24 -17.91 16.23
N SER C 188 30.27 -18.06 17.55
CA SER C 188 31.56 -18.07 18.23
C SER C 188 32.48 -19.16 17.68
N THR C 189 31.92 -20.20 17.07
CA THR C 189 32.76 -21.27 16.53
C THR C 189 33.36 -20.85 15.20
N GLN C 190 32.56 -20.22 14.34
CA GLN C 190 33.09 -19.65 13.11
C GLN C 190 34.17 -18.62 13.42
N TYR C 191 33.95 -17.79 14.44
CA TYR C 191 34.87 -16.71 14.74
C TYR C 191 36.23 -17.26 15.17
N ASN C 192 36.23 -18.24 16.08
CA ASN C 192 37.48 -18.83 16.55
C ASN C 192 38.16 -19.66 15.48
N SER C 193 37.43 -20.08 14.45
CA SER C 193 38.04 -20.85 13.37
C SER C 193 38.97 -20.01 12.52
N HIS C 194 38.92 -18.69 12.61
CA HIS C 194 39.63 -17.84 11.67
C HIS C 194 40.46 -16.79 12.40
N LYS C 195 41.39 -16.22 11.65
CA LYS C 195 42.39 -15.32 12.21
C LYS C 195 42.15 -13.88 11.80
N GLU C 196 42.22 -13.57 10.51
CA GLU C 196 42.26 -12.19 10.03
C GLU C 196 40.86 -11.71 9.70
N TYR C 197 40.46 -10.59 10.31
CA TYR C 197 39.14 -10.00 10.14
C TYR C 197 39.33 -8.61 9.54
N THR C 198 38.74 -8.39 8.38
CA THR C 198 39.06 -7.24 7.55
C THR C 198 37.80 -6.49 7.13
N CYS C 199 37.83 -5.18 7.31
CA CYS C 199 36.79 -4.29 6.81
C CYS C 199 37.43 -3.35 5.79
N LYS C 200 36.99 -3.43 4.55
CA LYS C 200 37.48 -2.55 3.50
C LYS C 200 36.38 -1.57 3.13
N VAL C 201 36.71 -0.28 3.16
CA VAL C 201 35.75 0.77 2.82
C VAL C 201 36.26 1.51 1.58
N THR C 202 35.49 1.44 0.52
CA THR C 202 35.85 2.02 -0.77
C THR C 202 35.00 3.26 -1.02
N GLN C 203 35.67 4.35 -1.40
CA GLN C 203 35.01 5.55 -1.88
C GLN C 203 35.73 6.00 -3.14
N GLY C 204 35.05 5.93 -4.27
CA GLY C 204 35.66 6.40 -5.49
C GLY C 204 36.95 5.65 -5.72
N THR C 205 38.03 6.38 -5.90
CA THR C 205 39.30 5.78 -6.30
C THR C 205 40.09 5.14 -5.16
N THR C 206 39.61 5.25 -3.91
CA THR C 206 40.42 4.96 -2.74
C THR C 206 39.74 3.92 -1.84
N SER C 207 40.50 2.91 -1.42
CA SER C 207 40.06 1.93 -0.43
C SER C 207 40.95 2.00 0.81
N VAL C 208 40.31 2.02 1.97
CA VAL C 208 40.96 1.98 3.27
C VAL C 208 40.60 0.65 3.89
N VAL C 209 41.61 -0.10 4.31
CA VAL C 209 41.42 -1.46 4.77
C VAL C 209 41.85 -1.49 6.22
N GLN C 210 40.91 -1.86 7.09
CA GLN C 210 41.20 -2.00 8.50
C GLN C 210 41.00 -3.45 8.86
N SER C 211 42.04 -4.03 9.46
CA SER C 211 42.05 -5.45 9.79
C SER C 211 42.47 -5.63 11.25
N PHE C 212 42.08 -6.76 11.82
CA PHE C 212 42.69 -7.22 13.05
C PHE C 212 42.79 -8.73 13.02
N ASN C 213 43.69 -9.27 13.82
CA ASN C 213 43.81 -10.71 14.00
C ASN C 213 43.21 -11.10 15.34
N ARG C 214 42.27 -12.05 15.31
CA ARG C 214 41.59 -12.47 16.54
C ARG C 214 42.58 -12.67 17.67
N GLY C 215 43.71 -13.34 17.38
CA GLY C 215 44.69 -13.61 18.41
C GLY C 215 45.20 -12.36 19.11
N ASP C 216 45.26 -11.24 18.41
CA ASP C 216 45.96 -10.06 18.90
C ASP C 216 45.10 -9.14 19.75
N CYS C 217 43.82 -9.44 19.92
CA CYS C 217 42.93 -8.54 20.66
C CYS C 217 42.21 -9.24 21.80
N LEU D 2 1.79 18.74 22.39
CA LEU D 2 1.00 17.51 22.35
C LEU D 2 1.89 16.38 22.78
N VAL D 3 1.34 15.41 23.50
CA VAL D 3 2.11 14.23 23.88
C VAL D 3 1.21 13.01 23.80
N GLU D 4 1.63 12.02 23.03
CA GLU D 4 0.92 10.76 22.92
C GLU D 4 1.43 9.83 24.01
N SER D 5 0.56 8.95 24.48
CA SER D 5 0.94 7.93 25.44
C SER D 5 0.12 6.66 25.21
N GLY D 6 0.61 5.54 25.75
CA GLY D 6 -0.10 4.28 25.64
C GLY D 6 0.53 3.23 24.75
N GLY D 7 1.55 3.56 23.98
CA GLY D 7 2.15 2.57 23.12
C GLY D 7 2.99 1.56 23.90
N GLY D 8 3.41 0.54 23.20
CA GLY D 8 4.21 -0.52 23.79
C GLY D 8 4.03 -1.77 22.96
N LEU D 9 4.40 -2.92 23.55
CA LEU D 9 4.30 -4.19 22.86
C LEU D 9 3.00 -4.89 23.22
N VAL D 10 2.26 -5.32 22.20
CA VAL D 10 1.05 -6.12 22.38
C VAL D 10 1.06 -7.32 21.44
N GLN D 11 0.27 -8.30 21.78
CA GLN D 11 0.14 -9.51 20.99
C GLN D 11 -0.91 -9.33 19.91
N PRO D 12 -0.78 -10.07 18.79
CA PRO D 12 -1.83 -10.01 17.77
C PRO D 12 -3.16 -10.36 18.39
N GLY D 13 -4.21 -9.72 17.91
CA GLY D 13 -5.53 -9.87 18.48
C GLY D 13 -5.83 -8.87 19.58
N ALA D 14 -4.83 -8.17 20.09
CA ALA D 14 -5.02 -7.31 21.26
C ALA D 14 -5.80 -6.05 20.89
N SER D 15 -6.43 -5.45 21.92
CA SER D 15 -6.92 -4.07 21.86
C SER D 15 -5.98 -3.13 22.62
N LEU D 16 -5.97 -1.86 22.25
CA LEU D 16 -5.10 -0.88 22.90
C LEU D 16 -5.68 0.50 22.74
N THR D 17 -5.54 1.31 23.78
CA THR D 17 -5.96 2.70 23.73
C THR D 17 -4.76 3.61 23.85
N LEU D 18 -4.63 4.53 22.92
CA LEU D 18 -3.63 5.60 22.96
C LEU D 18 -4.30 6.90 23.34
N THR D 19 -3.59 7.73 24.09
CA THR D 19 -4.11 9.02 24.50
C THR D 19 -3.20 10.12 23.98
N CYS D 20 -3.82 11.20 23.53
CA CYS D 20 -3.12 12.40 23.12
C CYS D 20 -3.49 13.49 24.11
N THR D 21 -2.48 14.08 24.75
CA THR D 21 -2.71 15.07 25.78
C THR D 21 -2.16 16.42 25.38
N ALA D 22 -2.99 17.45 25.52
CA ALA D 22 -2.63 18.82 25.23
C ALA D 22 -2.13 19.52 26.48
N SER D 23 -1.07 20.31 26.31
CA SER D 23 -0.60 21.19 27.36
C SER D 23 -0.50 22.60 26.78
N GLY D 24 -0.78 23.60 27.62
CA GLY D 24 -0.67 24.97 27.18
C GLY D 24 -1.82 25.48 26.34
N PHE D 25 -2.83 24.66 26.09
CA PHE D 25 -4.03 25.11 25.40
C PHE D 25 -5.11 24.07 25.67
N SER D 26 -6.31 24.35 25.22
CA SER D 26 -7.37 23.40 25.43
C SER D 26 -8.38 23.53 24.31
N PHE D 27 -9.38 22.67 24.37
CA PHE D 27 -10.44 22.69 23.40
C PHE D 27 -11.49 23.72 23.74
N SER D 28 -11.16 24.64 24.65
CA SER D 28 -11.86 25.90 24.67
C SER D 28 -11.93 26.49 23.27
N SER D 29 -10.87 26.34 22.50
CA SER D 29 -10.87 26.70 21.08
C SER D 29 -11.11 25.45 20.24
N ASP D 30 -11.61 25.64 19.01
CA ASP D 30 -12.00 24.51 18.15
C ASP D 30 -10.88 24.12 17.20
N TYR D 31 -10.61 22.83 17.11
CA TYR D 31 -9.58 22.29 16.24
C TYR D 31 -10.05 20.97 15.67
N TYR D 32 -9.35 20.55 14.62
CA TYR D 32 -9.26 19.14 14.26
C TYR D 32 -8.04 18.56 14.97
N MET D 33 -8.28 17.53 15.75
CA MET D 33 -7.24 16.69 16.33
C MET D 33 -7.25 15.39 15.55
N CYS D 34 -6.08 14.99 15.06
CA CYS D 34 -6.01 13.82 14.18
C CYS D 34 -4.94 12.86 14.67
N TRP D 35 -5.13 11.60 14.31
CA TRP D 35 -4.14 10.56 14.47
C TRP D 35 -3.61 10.12 13.11
N VAL D 36 -2.29 9.98 13.05
CA VAL D 36 -1.53 9.64 11.86
C VAL D 36 -0.51 8.60 12.30
N ARG D 37 -0.33 7.55 11.49
CA ARG D 37 0.68 6.56 11.83
C ARG D 37 1.73 6.40 10.75
N GLN D 38 2.82 5.78 11.14
CA GLN D 38 3.91 5.56 10.20
C GLN D 38 4.63 4.28 10.60
N ALA D 39 4.53 3.27 9.72
CA ALA D 39 5.26 2.07 9.95
C ALA D 39 6.74 2.33 9.74
N PRO D 40 7.58 1.53 10.34
CA PRO D 40 9.02 1.70 10.16
C PRO D 40 9.43 1.71 8.69
N GLY D 41 10.10 2.77 8.26
CA GLY D 41 10.56 2.86 6.90
C GLY D 41 9.52 3.24 5.86
N LYS D 42 8.28 3.52 6.25
CA LYS D 42 7.23 3.78 5.30
C LYS D 42 6.67 5.19 5.51
N GLY D 43 5.66 5.51 4.73
CA GLY D 43 5.14 6.86 4.68
C GLY D 43 4.09 7.15 5.72
N LEU D 44 3.65 8.40 5.73
CA LEU D 44 2.64 8.82 6.69
C LEU D 44 1.28 8.32 6.22
N GLU D 45 0.45 7.88 7.19
CA GLU D 45 -0.87 7.32 6.89
C GLU D 45 -1.91 7.93 7.81
N TRP D 46 -2.85 8.63 7.24
CA TRP D 46 -3.89 9.26 8.04
C TRP D 46 -4.84 8.21 8.59
N ILE D 47 -5.24 8.36 9.86
CA ILE D 47 -6.20 7.45 10.50
C ILE D 47 -7.56 8.10 10.67
N ALA D 48 -7.62 9.25 11.34
CA ALA D 48 -8.89 9.84 11.71
C ALA D 48 -8.65 11.25 12.22
N CYS D 49 -9.70 12.07 12.10
CA CYS D 49 -9.77 13.39 12.72
C CYS D 49 -11.07 13.55 13.47
N ILE D 50 -11.02 14.40 14.49
CA ILE D 50 -12.20 14.77 15.26
C ILE D 50 -12.23 16.29 15.44
N TRP D 51 -13.38 16.88 15.12
CA TRP D 51 -13.61 18.30 15.37
C TRP D 51 -14.02 18.46 16.84
N THR D 52 -13.22 19.22 17.58
CA THR D 52 -13.30 19.17 19.03
C THR D 52 -14.52 19.89 19.56
N ALA D 53 -15.22 20.67 18.74
CA ALA D 53 -16.40 21.40 19.20
C ALA D 53 -17.58 20.47 19.41
N ASN D 54 -17.69 19.44 18.59
CA ASN D 54 -18.89 18.62 18.60
C ASN D 54 -18.58 17.13 18.46
N SER D 55 -17.30 16.74 18.44
CA SER D 55 -16.84 15.35 18.36
C SER D 55 -17.19 14.68 17.03
N ILE D 56 -17.62 15.45 16.03
CA ILE D 56 -17.83 14.88 14.70
C ILE D 56 -16.49 14.43 14.15
N SER D 57 -16.46 13.20 13.66
CA SER D 57 -15.22 12.51 13.37
C SER D 57 -15.24 11.99 11.94
N TYR D 58 -14.05 11.86 11.38
CA TYR D 58 -13.86 11.36 10.03
C TYR D 58 -12.76 10.31 10.07
N TYR D 59 -12.91 9.25 9.27
CA TYR D 59 -12.03 8.09 9.35
C TYR D 59 -11.53 7.70 7.97
N ALA D 60 -10.29 7.24 7.91
CA ALA D 60 -9.85 6.49 6.76
C ALA D 60 -10.69 5.22 6.59
N ARG D 61 -10.81 4.76 5.34
CA ARG D 61 -11.68 3.63 5.04
C ARG D 61 -11.20 2.36 5.74
N TRP D 62 -9.89 2.25 5.99
CA TRP D 62 -9.36 1.06 6.65
C TRP D 62 -9.46 1.15 8.17
N ALA D 63 -9.76 2.32 8.71
CA ALA D 63 -9.85 2.53 10.15
C ALA D 63 -11.29 2.45 10.67
N LYS D 64 -12.26 2.90 9.88
CA LYS D 64 -13.65 2.89 10.32
C LYS D 64 -14.12 1.45 10.53
N GLY D 65 -14.53 1.12 11.75
CA GLY D 65 -14.91 -0.21 12.14
C GLY D 65 -13.91 -0.90 13.05
N ARG D 66 -12.70 -0.36 13.19
CA ARG D 66 -11.68 -1.04 13.98
C ARG D 66 -10.97 -0.07 14.92
N PHE D 67 -10.84 1.18 14.48
N PHE D 67 -10.86 1.19 14.52
CA PHE D 67 -10.29 2.26 15.28
CA PHE D 67 -10.26 2.23 15.33
C PHE D 67 -11.43 3.22 15.64
C PHE D 67 -11.30 3.31 15.59
N THR D 68 -11.36 3.78 16.84
CA THR D 68 -12.28 4.84 17.27
C THR D 68 -11.53 6.03 17.85
N ILE D 69 -11.84 7.24 17.35
CA ILE D 69 -11.28 8.48 17.86
C ILE D 69 -12.33 9.13 18.75
N SER D 70 -11.89 9.68 19.89
CA SER D 70 -12.78 10.31 20.85
C SER D 70 -12.11 11.51 21.50
N LYS D 71 -12.95 12.49 21.86
CA LYS D 71 -12.55 13.60 22.71
C LYS D 71 -13.05 13.26 24.12
N THR D 72 -12.11 13.07 25.05
CA THR D 72 -12.44 12.59 26.39
C THR D 72 -12.35 13.67 27.45
N SER D 73 -11.76 14.81 27.15
CA SER D 73 -11.72 15.98 28.04
C SER D 73 -11.34 17.21 27.22
N SER D 74 -11.26 18.35 27.92
CA SER D 74 -10.84 19.59 27.27
C SER D 74 -9.38 19.55 26.84
N THR D 75 -8.61 18.53 27.28
CA THR D 75 -7.21 18.37 26.88
C THR D 75 -6.83 16.98 26.38
N THR D 76 -7.77 16.07 26.17
CA THR D 76 -7.37 14.72 25.76
C THR D 76 -8.24 14.18 24.63
N VAL D 77 -7.59 13.52 23.68
CA VAL D 77 -8.23 12.77 22.63
C VAL D 77 -7.65 11.37 22.65
N THR D 78 -8.49 10.37 22.41
CA THR D 78 -8.04 8.99 22.43
C THR D 78 -8.20 8.37 21.04
N LEU D 79 -7.45 7.28 20.85
CA LEU D 79 -7.56 6.38 19.71
C LEU D 79 -7.63 4.96 20.28
N GLN D 80 -8.81 4.35 20.21
CA GLN D 80 -9.00 2.97 20.66
C GLN D 80 -8.81 2.09 19.44
N MET D 81 -8.05 1.01 19.59
CA MET D 81 -7.74 0.12 18.47
C MET D 81 -8.07 -1.29 18.90
N THR D 82 -8.62 -2.07 17.97
CA THR D 82 -8.97 -3.47 18.22
C THR D 82 -8.41 -4.40 17.16
N SER D 83 -8.33 -5.69 17.52
CA SER D 83 -7.95 -6.74 16.59
C SER D 83 -6.62 -6.41 15.91
N LEU D 84 -5.65 -6.04 16.72
CA LEU D 84 -4.37 -5.58 16.22
C LEU D 84 -3.60 -6.71 15.55
N THR D 85 -2.90 -6.36 14.48
CA THR D 85 -2.04 -7.29 13.76
C THR D 85 -0.64 -6.68 13.62
N ALA D 86 0.31 -7.52 13.24
CA ALA D 86 1.67 -7.06 13.02
C ALA D 86 1.71 -5.85 12.09
N ALA D 87 0.84 -5.83 11.09
CA ALA D 87 0.80 -4.70 10.17
C ALA D 87 0.33 -3.41 10.79
N ASP D 88 -0.12 -3.42 12.04
CA ASP D 88 -0.44 -2.20 12.74
C ASP D 88 0.77 -1.65 13.49
N THR D 89 1.92 -2.33 13.42
CA THR D 89 3.13 -1.84 14.06
C THR D 89 3.55 -0.51 13.43
N ALA D 90 3.69 0.51 14.26
CA ALA D 90 3.91 1.85 13.72
C ALA D 90 4.15 2.83 14.85
N THR D 91 4.71 3.98 14.47
CA THR D 91 4.64 5.15 15.34
C THR D 91 3.30 5.81 15.12
N TYR D 92 2.60 6.08 16.21
CA TYR D 92 1.31 6.76 16.18
C TYR D 92 1.50 8.18 16.68
N PHE D 93 1.18 9.15 15.82
CA PHE D 93 1.27 10.58 16.11
C PHE D 93 -0.13 11.17 16.27
N CYS D 94 -0.29 12.09 17.20
N CYS D 94 -0.23 12.13 17.16
CA CYS D 94 -1.45 12.98 17.15
CA CYS D 94 -1.36 13.03 17.26
C CYS D 94 -0.97 14.35 16.70
C CYS D 94 -0.95 14.39 16.72
N ALA D 95 -1.89 15.09 16.08
CA ALA D 95 -1.60 16.39 15.49
C ALA D 95 -2.84 17.27 15.55
N ARG D 96 -2.62 18.57 15.46
CA ARG D 96 -3.66 19.58 15.57
C ARG D 96 -3.65 20.47 14.33
N GLY D 97 -4.83 20.64 13.74
CA GLY D 97 -5.00 21.54 12.63
C GLY D 97 -6.25 22.37 12.81
N GLY D 98 -6.33 23.42 12.02
CA GLY D 98 -7.55 24.19 11.89
C GLY D 98 -8.37 23.69 10.73
N SER D 99 -9.20 24.58 10.19
CA SER D 99 -9.99 24.28 9.00
C SER D 99 -9.18 24.66 7.76
N GLY D 100 -8.73 23.66 7.01
CA GLY D 100 -8.05 23.87 5.74
C GLY D 100 -6.63 24.38 5.81
N ASP D 101 -5.97 24.36 6.98
CA ASP D 101 -4.66 24.98 7.16
C ASP D 101 -3.59 23.99 7.64
N GLY D 102 -3.62 22.77 7.13
CA GLY D 102 -2.64 21.74 7.54
C GLY D 102 -2.64 21.47 9.05
N GLN D 103 -1.56 20.83 9.51
CA GLN D 103 -1.36 20.48 10.92
C GLN D 103 -0.04 21.04 11.40
N SER D 104 -0.09 22.14 12.14
CA SER D 104 1.13 22.84 12.53
C SER D 104 1.70 22.29 13.82
N LEU D 105 0.94 21.52 14.57
CA LEU D 105 1.43 20.99 15.84
C LEU D 105 1.29 19.47 15.88
N TRP D 106 2.39 18.78 16.20
CA TRP D 106 2.47 17.33 16.25
C TRP D 106 3.08 16.88 17.56
N GLY D 107 2.64 15.76 18.07
CA GLY D 107 3.34 15.14 19.16
C GLY D 107 4.56 14.40 18.62
N PRO D 108 5.39 13.94 19.56
CA PRO D 108 6.58 13.16 19.17
C PRO D 108 6.28 11.77 18.71
N GLY D 109 5.08 11.28 18.95
CA GLY D 109 4.70 9.95 18.55
C GLY D 109 4.90 8.95 19.67
N THR D 110 4.05 7.92 19.67
CA THR D 110 4.22 6.76 20.52
C THR D 110 4.26 5.49 19.65
N LEU D 111 5.17 4.58 20.02
CA LEU D 111 5.46 3.41 19.22
C LEU D 111 4.63 2.21 19.67
N VAL D 112 3.91 1.62 18.74
CA VAL D 112 3.10 0.43 19.01
C VAL D 112 3.71 -0.71 18.25
N THR D 113 4.02 -1.78 18.97
CA THR D 113 4.58 -2.98 18.36
C THR D 113 3.64 -4.14 18.60
N VAL D 114 3.19 -4.73 17.51
CA VAL D 114 2.30 -5.88 17.57
C VAL D 114 3.09 -7.10 17.13
N SER D 115 3.38 -7.98 18.09
CA SER D 115 4.19 -9.15 17.83
C SER D 115 3.86 -10.25 18.82
N SER D 116 4.09 -11.49 18.40
CA SER D 116 4.02 -12.62 19.30
C SER D 116 5.24 -12.76 20.18
N GLY D 117 6.33 -12.06 19.90
CA GLY D 117 7.52 -12.18 20.73
C GLY D 117 7.31 -11.54 22.09
N GLN D 118 7.97 -12.12 23.11
CA GLN D 118 7.84 -11.47 24.39
C GLN D 118 8.92 -10.41 24.55
N PRO D 119 8.72 -9.46 25.44
CA PRO D 119 9.72 -8.40 25.59
C PRO D 119 11.06 -9.00 25.99
N LYS D 120 12.14 -8.42 25.48
CA LYS D 120 13.48 -8.88 25.80
C LYS D 120 14.37 -7.65 26.00
N ALA D 121 15.04 -7.60 27.14
CA ALA D 121 15.96 -6.51 27.41
C ALA D 121 17.22 -6.67 26.56
N PRO D 122 17.91 -5.57 26.29
CA PRO D 122 19.13 -5.67 25.47
C PRO D 122 20.32 -6.16 26.26
N SER D 123 21.20 -6.84 25.54
CA SER D 123 22.57 -7.09 25.99
C SER D 123 23.45 -5.95 25.51
N VAL D 124 24.31 -5.42 26.39
CA VAL D 124 25.15 -4.25 26.02
C VAL D 124 26.60 -4.67 26.05
N PHE D 125 27.28 -4.49 24.93
CA PHE D 125 28.67 -4.88 24.85
C PHE D 125 29.53 -3.67 24.49
N PRO D 126 30.67 -3.53 25.14
CA PRO D 126 31.56 -2.42 24.78
C PRO D 126 32.16 -2.58 23.40
N LEU D 127 32.39 -1.44 22.76
CA LEU D 127 33.09 -1.33 21.49
C LEU D 127 34.36 -0.53 21.69
N ALA D 128 35.50 -1.17 21.47
CA ALA D 128 36.80 -0.49 21.60
C ALA D 128 37.76 -1.07 20.58
N PRO D 129 38.79 -0.32 20.19
CA PRO D 129 39.80 -0.87 19.29
C PRO D 129 40.55 -2.02 19.95
N CYS D 130 41.12 -2.84 19.08
CA CYS D 130 41.97 -3.96 19.49
C CYS D 130 42.95 -3.58 20.59
N CYS D 131 43.02 -4.44 21.63
CA CYS D 131 43.89 -4.27 22.79
C CYS D 131 45.30 -3.83 22.40
N GLY D 132 45.83 -4.41 21.33
CA GLY D 132 47.24 -4.36 21.05
C GLY D 132 47.79 -3.06 20.54
N ASP D 133 47.10 -2.42 19.60
CA ASP D 133 47.74 -1.37 18.82
C ASP D 133 48.19 -0.21 19.71
N THR D 134 49.15 0.54 19.18
CA THR D 134 49.83 1.58 19.93
C THR D 134 48.86 2.71 20.29
N PRO D 135 49.03 3.33 21.47
CA PRO D 135 48.14 4.44 21.83
C PRO D 135 48.19 5.56 20.80
N SER D 136 47.01 6.11 20.51
CA SER D 136 46.91 7.21 19.58
C SER D 136 46.02 8.30 20.14
N SER D 137 46.12 9.47 19.53
CA SER D 137 45.51 10.68 20.05
C SER D 137 43.98 10.62 20.01
N THR D 138 43.40 10.14 18.92
CA THR D 138 41.95 10.07 18.80
C THR D 138 41.51 8.64 19.03
N VAL D 139 40.32 8.48 19.59
CA VAL D 139 39.84 7.15 19.88
C VAL D 139 38.33 7.21 19.90
N THR D 140 37.71 6.31 19.14
CA THR D 140 36.27 6.18 19.09
C THR D 140 35.91 4.91 19.86
N LEU D 141 35.01 5.07 20.82
CA LEU D 141 34.55 4.00 21.69
C LEU D 141 33.03 3.89 21.52
N GLY D 142 32.46 2.80 22.00
CA GLY D 142 31.03 2.66 21.75
C GLY D 142 30.36 1.57 22.56
N CYS D 143 29.05 1.47 22.35
CA CYS D 143 28.24 0.41 22.93
C CYS D 143 27.40 -0.26 21.84
N LEU D 144 27.44 -1.58 21.82
CA LEU D 144 26.60 -2.39 20.98
C LEU D 144 25.42 -2.89 21.81
N VAL D 145 24.22 -2.50 21.41
CA VAL D 145 22.99 -2.81 22.13
C VAL D 145 22.27 -3.85 21.28
N LYS D 146 22.25 -5.09 21.75
CA LYS D 146 21.92 -6.22 20.89
C LYS D 146 20.76 -7.03 21.49
N GLY D 147 19.80 -7.37 20.64
CA GLY D 147 18.82 -8.39 20.96
C GLY D 147 17.69 -7.94 21.87
N TYR D 148 17.09 -6.79 21.59
CA TYR D 148 15.99 -6.33 22.42
C TYR D 148 14.67 -6.31 21.65
N LEU D 149 13.57 -6.26 22.40
CA LEU D 149 12.22 -6.13 21.83
C LEU D 149 11.26 -5.64 22.90
N PRO D 150 10.37 -4.67 22.62
CA PRO D 150 10.26 -3.90 21.38
C PRO D 150 11.26 -2.74 21.34
N GLU D 151 11.27 -2.03 20.24
CA GLU D 151 11.81 -0.69 20.27
CA GLU D 151 11.80 -0.67 20.25
C GLU D 151 10.92 0.19 21.16
N PRO D 152 11.45 1.30 21.66
CA PRO D 152 12.78 1.86 21.47
C PRO D 152 13.70 1.56 22.63
N VAL D 153 15.00 1.71 22.41
CA VAL D 153 15.95 1.96 23.47
C VAL D 153 16.34 3.41 23.36
N THR D 154 16.76 3.99 24.47
N THR D 154 16.74 3.97 24.50
CA THR D 154 17.39 5.31 24.45
CA THR D 154 17.39 5.28 24.56
C THR D 154 18.80 5.19 25.00
C THR D 154 18.84 5.07 24.97
N VAL D 155 19.77 5.68 24.23
CA VAL D 155 21.17 5.62 24.58
C VAL D 155 21.64 7.04 24.83
N THR D 156 22.19 7.28 26.00
CA THR D 156 22.91 8.49 26.35
C THR D 156 24.33 8.14 26.76
N TRP D 157 25.16 9.18 26.83
CA TRP D 157 26.56 9.05 27.24
C TRP D 157 26.79 9.97 28.42
N ASN D 158 27.41 9.43 29.47
CA ASN D 158 27.70 10.20 30.69
C ASN D 158 26.43 10.88 31.20
N SER D 159 25.35 10.11 31.25
CA SER D 159 24.08 10.59 31.79
C SER D 159 23.62 11.85 31.08
N GLY D 160 23.89 11.93 29.79
CA GLY D 160 23.41 13.00 28.94
C GLY D 160 24.28 14.24 28.90
N THR D 161 25.38 14.26 29.65
CA THR D 161 26.29 15.39 29.65
C THR D 161 27.39 15.29 28.60
N LEU D 162 27.49 14.16 27.93
CA LEU D 162 28.40 13.98 26.79
C LEU D 162 27.56 13.80 25.52
N THR D 163 27.61 14.75 24.63
CA THR D 163 26.89 14.55 23.37
C THR D 163 27.62 15.06 22.13
N ASN D 164 28.63 15.91 22.27
CA ASN D 164 29.51 16.19 21.14
C ASN D 164 30.35 14.94 20.81
N GLY D 165 30.46 14.64 19.52
CA GLY D 165 31.19 13.45 19.12
C GLY D 165 30.40 12.16 19.15
N VAL D 166 29.08 12.21 19.42
CA VAL D 166 28.27 11.01 19.57
C VAL D 166 27.55 10.72 18.26
N ARG D 167 27.54 9.45 17.88
CA ARG D 167 26.90 8.98 16.67
C ARG D 167 26.14 7.71 17.02
N THR D 168 24.82 7.79 17.00
CA THR D 168 23.96 6.67 17.32
C THR D 168 23.27 6.21 16.05
N PHE D 169 23.51 5.02 15.68
CA PHE D 169 23.06 4.52 14.39
C PHE D 169 21.62 4.00 14.45
N PRO D 170 20.90 4.08 13.35
CA PRO D 170 19.56 3.45 13.33
C PRO D 170 19.64 1.98 13.73
N SER D 171 18.61 1.52 14.45
CA SER D 171 18.51 0.13 14.80
C SER D 171 18.29 -0.72 13.55
N VAL D 172 18.57 -2.01 13.70
CA VAL D 172 18.33 -2.99 12.66
C VAL D 172 17.57 -4.15 13.27
N ARG D 173 16.49 -4.56 12.63
N ARG D 173 16.49 -4.54 12.62
CA ARG D 173 15.72 -5.70 13.09
CA ARG D 173 15.73 -5.71 13.01
C ARG D 173 16.31 -6.97 12.47
C ARG D 173 16.41 -6.95 12.44
N GLN D 174 16.82 -7.86 13.32
CA GLN D 174 17.40 -9.10 12.83
C GLN D 174 16.31 -10.05 12.35
N SER D 175 16.73 -11.09 11.64
CA SER D 175 15.81 -12.13 11.19
C SER D 175 14.91 -12.62 12.32
N SER D 176 15.43 -12.64 13.55
CA SER D 176 14.73 -13.12 14.73
C SER D 176 13.56 -12.25 15.14
N GLY D 177 13.43 -11.05 14.57
CA GLY D 177 12.49 -10.10 15.07
C GLY D 177 13.02 -9.24 16.22
N LEU D 178 14.19 -9.58 16.78
CA LEU D 178 14.85 -8.71 17.76
C LEU D 178 15.62 -7.60 17.06
N TYR D 179 15.97 -6.58 17.83
CA TYR D 179 16.64 -5.40 17.30
C TYR D 179 18.06 -5.28 17.85
N SER D 180 18.91 -4.61 17.07
CA SER D 180 20.24 -4.25 17.51
C SER D 180 20.54 -2.82 17.10
N LEU D 181 21.34 -2.12 17.92
CA LEU D 181 21.86 -0.84 17.47
C LEU D 181 23.17 -0.60 18.16
N SER D 182 23.92 0.33 17.59
CA SER D 182 25.22 0.71 18.14
C SER D 182 25.26 2.22 18.27
N SER D 183 25.95 2.67 19.32
CA SER D 183 26.28 4.07 19.53
C SER D 183 27.78 4.18 19.77
N VAL D 184 28.40 5.18 19.15
CA VAL D 184 29.83 5.41 19.33
C VAL D 184 30.07 6.89 19.64
N VAL D 185 31.20 7.14 20.31
CA VAL D 185 31.57 8.51 20.66
C VAL D 185 33.06 8.69 20.40
N SER D 186 33.39 9.77 19.73
CA SER D 186 34.79 10.06 19.41
C SER D 186 35.35 10.97 20.49
N VAL D 187 36.40 10.50 21.17
CA VAL D 187 37.10 11.26 22.21
C VAL D 187 38.60 11.21 21.92
N THR D 188 39.40 11.66 22.86
CA THR D 188 40.86 11.73 22.67
C THR D 188 41.51 11.00 23.81
N SER D 189 42.82 10.85 23.69
CA SER D 189 43.52 10.08 24.71
C SER D 189 43.49 10.78 26.06
N SER D 190 43.22 12.08 26.11
CA SER D 190 43.14 12.75 27.42
C SER D 190 41.80 12.55 28.11
N SER D 191 40.83 12.00 27.41
N SER D 191 40.83 12.01 27.40
CA SER D 191 39.51 11.86 27.97
CA SER D 191 39.51 11.83 27.97
C SER D 191 39.49 10.82 29.08
C SER D 191 39.53 10.83 29.12
N GLN D 192 38.62 11.03 30.04
CA GLN D 192 38.29 10.02 31.02
C GLN D 192 37.41 8.95 30.37
N PRO D 193 37.22 7.81 31.04
CA PRO D 193 36.32 6.79 30.49
C PRO D 193 34.94 7.35 30.25
N VAL D 194 34.29 6.82 29.24
CA VAL D 194 32.93 7.21 28.91
C VAL D 194 31.98 6.06 29.21
N THR D 195 30.77 6.43 29.62
CA THR D 195 29.74 5.48 30.02
C THR D 195 28.52 5.66 29.14
N CYS D 196 28.07 4.57 28.52
CA CYS D 196 26.81 4.59 27.81
C CYS D 196 25.70 4.18 28.77
N ASN D 197 24.62 4.93 28.76
CA ASN D 197 23.43 4.57 29.54
C ASN D 197 22.35 4.11 28.57
N VAL D 198 21.89 2.87 28.74
CA VAL D 198 21.03 2.18 27.80
C VAL D 198 19.73 1.84 28.51
N ALA D 199 18.67 2.57 28.18
CA ALA D 199 17.38 2.37 28.81
C ALA D 199 16.46 1.64 27.84
N HIS D 200 15.69 0.70 28.38
CA HIS D 200 14.73 -0.06 27.59
C HIS D 200 13.42 -0.03 28.37
N PRO D 201 12.59 1.00 28.16
CA PRO D 201 11.42 1.16 29.02
C PRO D 201 10.50 -0.05 29.04
N ALA D 202 10.30 -0.71 27.89
CA ALA D 202 9.40 -1.85 27.84
C ALA D 202 9.73 -2.91 28.88
N THR D 203 11.00 -3.09 29.24
CA THR D 203 11.39 -4.05 30.27
C THR D 203 11.84 -3.37 31.55
N ASN D 204 11.72 -2.05 31.63
CA ASN D 204 12.12 -1.30 32.81
C ASN D 204 13.58 -1.58 33.19
N THR D 205 14.44 -1.67 32.19
CA THR D 205 15.85 -1.89 32.43
C THR D 205 16.67 -0.65 32.09
N LYS D 206 17.69 -0.40 32.88
CA LYS D 206 18.63 0.65 32.53
C LYS D 206 19.99 0.11 32.90
N VAL D 207 20.92 0.17 31.96
CA VAL D 207 22.20 -0.51 32.09
C VAL D 207 23.27 0.51 31.76
N ASP D 208 24.30 0.58 32.60
CA ASP D 208 25.46 1.40 32.30
C ASP D 208 26.64 0.52 31.89
N LYS D 209 27.39 0.96 30.88
CA LYS D 209 28.64 0.30 30.52
C LYS D 209 29.70 1.37 30.34
N THR D 210 30.73 1.32 31.18
CA THR D 210 31.86 2.23 31.04
C THR D 210 32.87 1.60 30.11
N VAL D 211 33.25 2.35 29.10
CA VAL D 211 34.14 1.90 28.05
C VAL D 211 35.40 2.75 28.12
N ALA D 212 36.54 2.11 27.91
CA ALA D 212 37.83 2.80 27.81
C ALA D 212 38.77 1.87 27.06
N PRO D 213 39.79 2.40 26.39
CA PRO D 213 40.60 1.56 25.51
C PRO D 213 41.69 0.80 26.24
#